data_3M7I
#
_entry.id   3M7I
#
_cell.length_a   130.337
_cell.length_b   70.955
_cell.length_c   69.189
_cell.angle_alpha   90.00
_cell.angle_beta   109.40
_cell.angle_gamma   90.00
#
_symmetry.space_group_name_H-M   'C 1 2 1'
#
loop_
_entity.id
_entity.type
_entity.pdbx_description
1 polymer Transketolase
2 non-polymer 'THIAMINE DIPHOSPHATE'
3 non-polymer 1,2-ETHANEDIOL
4 non-polymer 'MAGNESIUM ION'
5 non-polymer 5-O-phosphono-beta-D-ribofuranose
6 water water
#
_entity_poly.entity_id   1
_entity_poly.type   'polypeptide(L)'
_entity_poly.pdbx_seq_one_letter_code
;SNA(MSE)NIQILQEQANTLRFLSAD(MSE)VQKANSGHPGAPLGLADILSVLSYHLKHNPKNPTWLNRDRLVFSGGHAS
ALLYSFLHLSGYDLSLEDLKNFRQLHSKTPGHPEISTLGVEIATGPLGQGVANAVGFA(MSE)AAKKAQNLLGSDLIDHK
IYCLCGDGDLQEGISYEACSLAGLHKLDNFILIYDSNNISIEGDVGLAFNENVK(MSE)RFEAQGFEVLSINGHDYEEIN
KALEQAKKSTKPCLIIAKTTIAKGAGELEGSHKSHGAPLGEEVIKKAKEQAGFDPNISFHIPQASKIRFESAVELGDLEE
AKWKDKLEKSAKKELLERLLNPDFNKIAYPDFKGKDLATRDSNGEILNVLAKNLEGFLGGSADLGPSNKTELHS(MSE)G
DFVEGKNIHFGIREHA(MSE)AAINNAFARYGIFLPFSATFFIFSEYLKPAARIAAL(MSE)KIKHFFIFTHDSIGVGED
GPTHQPIEQLSTFRA(MSE)PNFLTFRPADGVENVKAWQIALNADIPSAFVLSRQKLKALNEPVFGDVKNGAYLLKESKE
AKFTLLASGSEVWLCLESANELEKQGFACNVVS(MSE)PCFELFEKQDKAYQERLLKGEVIGVEAAHSNELYKFCHKVYG
IESFGESGKDKDVFERFGFSVSKLVNFILSK
;
_entity_poly.pdbx_strand_id   A
#
loop_
_chem_comp.id
_chem_comp.type
_chem_comp.name
_chem_comp.formula
EDO non-polymer 1,2-ETHANEDIOL 'C2 H6 O2'
MG non-polymer 'MAGNESIUM ION' 'Mg 2'
RP5 D-saccharide, beta linking 5-O-phosphono-beta-D-ribofuranose 'C5 H11 O8 P'
TPP non-polymer 'THIAMINE DIPHOSPHATE' 'C12 H19 N4 O7 P2 S 1'
#
# COMPACT_ATOMS: atom_id res chain seq x y z
N MSE A 4 17.70 -26.23 -21.55
CA MSE A 4 18.09 -24.77 -21.58
C MSE A 4 19.15 -24.57 -22.68
O MSE A 4 20.35 -24.86 -22.49
CB MSE A 4 18.60 -24.27 -20.19
CG MSE A 4 18.10 -22.82 -19.84
SE MSE A 4 19.03 -21.59 -18.56
CE MSE A 4 18.67 -20.05 -19.68
N ASN A 5 18.67 -24.06 -23.85
CA ASN A 5 19.46 -23.76 -25.08
C ASN A 5 18.81 -22.62 -25.86
N ILE A 6 19.45 -22.19 -26.93
CA ILE A 6 19.11 -20.93 -27.58
C ILE A 6 17.81 -21.01 -28.37
N GLN A 7 17.59 -22.18 -29.01
CA GLN A 7 16.46 -22.32 -29.88
C GLN A 7 15.18 -22.35 -29.00
N ILE A 8 15.20 -23.08 -27.88
CA ILE A 8 14.05 -23.15 -26.98
C ILE A 8 13.78 -21.73 -26.33
N LEU A 9 14.83 -21.06 -25.88
CA LEU A 9 14.67 -19.76 -25.23
C LEU A 9 14.08 -18.71 -26.22
N GLN A 10 14.52 -18.78 -27.48
CA GLN A 10 14.05 -17.90 -28.46
C GLN A 10 12.56 -18.16 -28.73
N GLU A 11 12.17 -19.43 -28.77
CA GLU A 11 10.77 -19.71 -29.08
C GLU A 11 9.92 -19.24 -27.89
N GLN A 12 10.42 -19.56 -26.70
CA GLN A 12 9.75 -19.12 -25.44
C GLN A 12 9.53 -17.61 -25.39
N ALA A 13 10.61 -16.85 -25.56
CA ALA A 13 10.53 -15.38 -25.63
C ALA A 13 9.59 -14.87 -26.70
N ASN A 14 9.64 -15.49 -27.89
CA ASN A 14 8.77 -15.02 -28.93
C ASN A 14 7.30 -15.36 -28.62
N THR A 15 7.07 -16.45 -27.90
CA THR A 15 5.70 -16.87 -27.50
C THR A 15 5.12 -15.77 -26.60
N LEU A 16 5.96 -15.35 -25.68
CA LEU A 16 5.62 -14.25 -24.75
C LEU A 16 5.35 -12.94 -25.48
N ARG A 17 6.20 -12.65 -26.45
CA ARG A 17 5.99 -11.49 -27.28
C ARG A 17 4.67 -11.49 -28.01
N PHE A 18 4.35 -12.56 -28.72
CA PHE A 18 3.19 -12.49 -29.54
C PHE A 18 1.91 -12.69 -28.75
N LEU A 19 1.92 -13.40 -27.63
CA LEU A 19 0.73 -13.36 -26.75
C LEU A 19 0.48 -11.97 -26.30
N SER A 20 1.53 -11.31 -25.82
CA SER A 20 1.39 -9.93 -25.37
C SER A 20 0.88 -8.99 -26.48
N ALA A 21 1.47 -9.14 -27.66
CA ALA A 21 1.16 -8.26 -28.74
C ALA A 21 -0.31 -8.48 -29.21
N ASP A 22 -0.68 -9.75 -29.27
CA ASP A 22 -2.05 -10.15 -29.73
C ASP A 22 -3.13 -9.69 -28.73
N MSE A 23 -2.75 -9.70 -27.47
CA MSE A 23 -3.65 -9.24 -26.37
C MSE A 23 -3.95 -7.80 -26.48
O MSE A 23 -5.16 -7.38 -26.35
CB MSE A 23 -3.07 -9.54 -24.97
CG MSE A 23 -2.97 -10.99 -24.64
SE MSE A 23 -1.82 -11.30 -23.12
CE MSE A 23 -2.82 -10.17 -22.09
N VAL A 24 -2.91 -6.96 -26.59
CA VAL A 24 -3.02 -5.55 -26.83
C VAL A 24 -3.82 -5.23 -28.09
N GLN A 25 -3.51 -5.98 -29.17
CA GLN A 25 -4.18 -5.70 -30.44
C GLN A 25 -5.71 -5.96 -30.35
N LYS A 26 -6.10 -7.04 -29.66
CA LYS A 26 -7.52 -7.44 -29.58
C LYS A 26 -8.29 -6.44 -28.73
N ALA A 27 -7.66 -6.00 -27.63
CA ALA A 27 -8.22 -4.93 -26.80
C ALA A 27 -8.24 -3.53 -27.46
N ASN A 28 -7.42 -3.34 -28.51
CA ASN A 28 -7.18 -2.04 -29.08
C ASN A 28 -6.74 -1.05 -28.01
N SER A 29 -5.97 -1.57 -27.05
CA SER A 29 -5.55 -0.76 -25.93
C SER A 29 -4.44 -1.47 -25.21
N GLY A 30 -3.47 -0.69 -24.71
CA GLY A 30 -2.40 -1.27 -23.93
C GLY A 30 -1.00 -0.99 -24.43
N HIS A 31 -0.07 -1.69 -23.82
CA HIS A 31 1.36 -1.33 -23.89
C HIS A 31 2.10 -2.51 -24.41
N PRO A 32 2.43 -2.53 -25.72
CA PRO A 32 3.22 -3.63 -26.25
C PRO A 32 4.76 -3.49 -26.20
N GLY A 33 5.27 -2.28 -26.04
CA GLY A 33 6.72 -2.06 -26.14
C GLY A 33 7.51 -2.73 -25.08
N ALA A 34 7.15 -2.46 -23.83
CA ALA A 34 7.86 -3.05 -22.70
C ALA A 34 7.76 -4.59 -22.66
N PRO A 35 6.58 -5.15 -22.95
CA PRO A 35 6.52 -6.62 -23.04
C PRO A 35 7.52 -7.20 -24.03
N LEU A 36 7.60 -6.58 -25.19
CA LEU A 36 8.51 -7.10 -26.26
C LEU A 36 9.96 -6.94 -25.81
N GLY A 37 10.25 -5.82 -25.14
CA GLY A 37 11.60 -5.56 -24.69
C GLY A 37 12.05 -6.46 -23.58
N LEU A 38 11.12 -6.94 -22.76
CA LEU A 38 11.42 -7.73 -21.58
C LEU A 38 11.36 -9.22 -21.77
N ALA A 39 10.88 -9.62 -22.94
CA ALA A 39 10.54 -11.01 -23.21
C ALA A 39 11.71 -11.98 -23.11
N ASP A 40 12.92 -11.56 -23.55
CA ASP A 40 14.08 -12.38 -23.40
C ASP A 40 14.47 -12.58 -21.96
N ILE A 41 14.49 -11.48 -21.20
CA ILE A 41 14.76 -11.53 -19.77
C ILE A 41 13.81 -12.44 -19.00
N LEU A 42 12.50 -12.30 -19.20
CA LEU A 42 11.59 -13.15 -18.45
C LEU A 42 11.70 -14.64 -18.87
N SER A 43 11.96 -14.92 -20.14
CA SER A 43 12.21 -16.29 -20.58
C SER A 43 13.33 -16.94 -19.80
N VAL A 44 14.45 -16.24 -19.62
CA VAL A 44 15.51 -16.76 -18.80
C VAL A 44 15.15 -16.79 -17.34
N LEU A 45 14.54 -15.71 -16.83
CA LEU A 45 14.18 -15.69 -15.44
C LEU A 45 13.28 -16.85 -15.05
N SER A 46 12.44 -17.33 -15.96
CA SER A 46 11.55 -18.45 -15.69
C SER A 46 12.28 -19.75 -15.24
N TYR A 47 13.53 -19.92 -15.68
CA TYR A 47 14.38 -20.98 -15.24
C TYR A 47 14.94 -20.83 -13.86
N HIS A 48 14.95 -19.61 -13.34
CA HIS A 48 15.52 -19.39 -12.04
C HIS A 48 14.46 -19.17 -10.95
N LEU A 49 13.32 -18.63 -11.34
CA LEU A 49 12.23 -18.42 -10.36
C LEU A 49 11.77 -19.71 -9.64
N LYS A 50 11.71 -19.71 -8.32
CA LYS A 50 11.13 -20.77 -7.54
C LYS A 50 9.70 -20.36 -7.09
N HIS A 51 8.71 -21.08 -7.59
CA HIS A 51 7.30 -20.75 -7.33
C HIS A 51 6.44 -21.97 -7.59
N ASN A 52 5.22 -22.00 -7.01
CA ASN A 52 4.29 -23.04 -7.30
C ASN A 52 3.03 -22.47 -7.90
N PRO A 53 2.87 -22.59 -9.22
CA PRO A 53 1.69 -22.03 -9.90
C PRO A 53 0.40 -22.48 -9.29
N LYS A 54 0.40 -23.65 -8.63
CA LYS A 54 -0.85 -24.15 -8.11
C LYS A 54 -1.04 -23.72 -6.69
N ASN A 55 -0.02 -23.11 -6.08
CA ASN A 55 -0.21 -22.53 -4.74
C ASN A 55 0.58 -21.21 -4.64
N PRO A 56 -0.02 -20.10 -5.15
CA PRO A 56 0.53 -18.75 -5.11
C PRO A 56 0.73 -18.17 -3.72
N THR A 57 0.29 -18.90 -2.67
CA THR A 57 0.46 -18.51 -1.27
C THR A 57 1.63 -19.21 -0.57
N TRP A 58 2.36 -20.05 -1.29
CA TRP A 58 3.50 -20.74 -0.68
C TRP A 58 4.47 -19.70 -0.10
N LEU A 59 4.75 -19.82 1.19
CA LEU A 59 5.40 -18.70 1.94
C LEU A 59 6.83 -18.44 1.49
N ASN A 60 7.52 -19.50 1.08
CA ASN A 60 8.92 -19.36 0.66
C ASN A 60 9.12 -19.30 -0.85
N ARG A 61 8.07 -18.96 -1.59
CA ARG A 61 8.23 -18.68 -3.03
C ARG A 61 9.08 -17.47 -3.24
N ASP A 62 9.83 -17.43 -4.34
CA ASP A 62 10.41 -16.17 -4.83
C ASP A 62 9.26 -15.19 -5.15
N ARG A 63 9.41 -13.94 -4.78
CA ARG A 63 8.42 -12.88 -5.04
C ARG A 63 8.86 -12.09 -6.28
N LEU A 64 8.03 -12.12 -7.33
CA LEU A 64 8.23 -11.40 -8.57
C LEU A 64 7.34 -10.17 -8.62
N VAL A 65 7.95 -9.00 -8.75
CA VAL A 65 7.21 -7.74 -8.92
C VAL A 65 7.47 -7.05 -10.27
N PHE A 66 6.40 -6.76 -11.00
CA PHE A 66 6.53 -5.92 -12.20
C PHE A 66 6.28 -4.46 -11.79
N SER A 67 7.33 -3.72 -11.51
CA SER A 67 7.10 -2.32 -11.06
C SER A 67 6.53 -1.46 -12.20
N GLY A 68 6.89 -1.77 -13.44
CA GLY A 68 6.31 -1.21 -14.59
C GLY A 68 5.03 -1.99 -14.83
N GLY A 69 3.93 -1.61 -14.16
CA GLY A 69 2.69 -2.34 -14.32
C GLY A 69 2.03 -2.29 -15.69
N HIS A 70 2.39 -1.31 -16.51
CA HIS A 70 1.92 -1.22 -17.85
C HIS A 70 2.37 -2.39 -18.68
N ALA A 71 3.42 -3.10 -18.24
CA ALA A 71 3.85 -4.35 -18.84
C ALA A 71 2.97 -5.60 -18.50
N SER A 72 1.72 -5.33 -18.05
CA SER A 72 0.85 -6.38 -17.64
C SER A 72 0.66 -7.54 -18.59
N ALA A 73 0.54 -7.25 -19.86
CA ALA A 73 0.25 -8.32 -20.87
C ALA A 73 1.32 -9.41 -20.76
N LEU A 74 2.57 -8.99 -20.48
CA LEU A 74 3.65 -9.93 -20.33
C LEU A 74 3.50 -10.77 -19.11
N LEU A 75 3.25 -10.13 -17.94
CA LEU A 75 2.93 -10.86 -16.79
C LEU A 75 1.83 -11.89 -16.99
N TYR A 76 0.71 -11.48 -17.58
CA TYR A 76 -0.38 -12.39 -17.75
C TYR A 76 -0.03 -13.57 -18.66
N SER A 77 0.75 -13.29 -19.66
CA SER A 77 1.19 -14.35 -20.59
C SER A 77 2.00 -15.42 -19.84
N PHE A 78 2.96 -14.95 -19.05
CA PHE A 78 3.77 -15.78 -18.23
C PHE A 78 2.97 -16.55 -17.15
N LEU A 79 1.98 -15.92 -16.48
CA LEU A 79 1.24 -16.68 -15.51
C LEU A 79 0.43 -17.79 -16.23
N HIS A 80 -0.18 -17.45 -17.37
CA HIS A 80 -0.92 -18.43 -18.13
C HIS A 80 -0.02 -19.60 -18.54
N LEU A 81 1.08 -19.24 -19.18
CA LEU A 81 2.03 -20.29 -19.64
C LEU A 81 2.61 -21.13 -18.55
N SER A 82 2.85 -20.55 -17.38
CA SER A 82 3.45 -21.27 -16.26
C SER A 82 2.49 -22.18 -15.51
N GLY A 83 1.17 -22.08 -15.74
CA GLY A 83 0.25 -22.98 -15.04
C GLY A 83 -0.63 -22.38 -13.94
N TYR A 84 -0.63 -21.04 -13.82
CA TYR A 84 -1.43 -20.36 -12.85
C TYR A 84 -2.88 -20.43 -13.31
N ASP A 85 -3.80 -20.10 -12.44
CA ASP A 85 -5.22 -20.16 -12.77
C ASP A 85 -5.63 -18.92 -13.58
N LEU A 86 -5.08 -18.79 -14.76
CA LEU A 86 -5.39 -17.74 -15.68
C LEU A 86 -5.40 -18.44 -17.02
N SER A 87 -6.49 -18.33 -17.76
CA SER A 87 -6.72 -19.08 -18.98
C SER A 87 -6.39 -18.33 -20.27
N LEU A 88 -6.32 -19.04 -21.39
CA LEU A 88 -6.22 -18.35 -22.63
C LEU A 88 -7.42 -17.45 -22.95
N GLU A 89 -8.62 -17.86 -22.65
CA GLU A 89 -9.75 -17.00 -22.82
C GLU A 89 -9.58 -15.68 -21.94
N ASP A 90 -9.00 -15.82 -20.76
CA ASP A 90 -8.73 -14.62 -19.91
C ASP A 90 -7.81 -13.66 -20.66
N LEU A 91 -6.79 -14.19 -21.36
CA LEU A 91 -5.91 -13.38 -22.09
C LEU A 91 -6.62 -12.63 -23.21
N LYS A 92 -7.59 -13.30 -23.87
CA LYS A 92 -8.36 -12.67 -24.91
C LYS A 92 -9.35 -11.61 -24.40
N ASN A 93 -9.56 -11.54 -23.08
CA ASN A 93 -10.37 -10.45 -22.52
C ASN A 93 -9.57 -9.41 -21.77
N PHE A 94 -8.26 -9.32 -22.13
CA PHE A 94 -7.41 -8.18 -21.69
C PHE A 94 -8.10 -6.84 -21.79
N ARG A 95 -8.11 -6.17 -20.65
CA ARG A 95 -8.54 -4.83 -20.51
C ARG A 95 -10.06 -4.65 -20.61
N GLN A 96 -10.78 -5.76 -20.56
CA GLN A 96 -12.24 -5.67 -20.70
C GLN A 96 -12.89 -5.70 -19.33
N LEU A 97 -14.04 -5.04 -19.25
CA LEU A 97 -14.78 -4.96 -18.00
C LEU A 97 -15.00 -6.33 -17.38
N HIS A 98 -14.61 -6.45 -16.11
CA HIS A 98 -14.75 -7.63 -15.30
C HIS A 98 -13.88 -8.83 -15.66
N SER A 99 -12.87 -8.64 -16.52
CA SER A 99 -11.96 -9.72 -16.78
C SER A 99 -10.96 -9.89 -15.63
N LYS A 100 -10.22 -11.01 -15.71
CA LYS A 100 -9.07 -11.33 -14.82
C LYS A 100 -7.76 -10.75 -15.30
N THR A 101 -7.81 -10.00 -16.40
CA THR A 101 -6.64 -9.37 -17.05
C THR A 101 -6.82 -7.87 -17.23
N PRO A 102 -6.96 -7.12 -16.10
CA PRO A 102 -7.11 -5.70 -16.21
C PRO A 102 -5.84 -4.97 -16.67
N GLY A 103 -6.00 -3.74 -17.14
CA GLY A 103 -4.91 -2.94 -17.78
C GLY A 103 -3.63 -2.87 -16.97
N HIS A 104 -3.76 -2.78 -15.64
CA HIS A 104 -2.60 -2.91 -14.77
C HIS A 104 -2.85 -4.01 -13.73
N PRO A 105 -1.80 -4.67 -13.16
CA PRO A 105 -2.05 -5.88 -12.37
C PRO A 105 -2.74 -5.62 -11.02
N GLU A 106 -3.66 -6.51 -10.66
CA GLU A 106 -4.44 -6.40 -9.40
C GLU A 106 -4.33 -7.71 -8.69
N ILE A 107 -4.32 -7.67 -7.38
CA ILE A 107 -4.14 -8.89 -6.61
C ILE A 107 -5.29 -9.88 -6.67
N SER A 108 -6.45 -9.47 -7.20
CA SER A 108 -7.54 -10.41 -7.37
C SER A 108 -7.23 -11.43 -8.50
N THR A 109 -6.16 -11.20 -9.26
CA THR A 109 -5.72 -12.14 -10.29
C THR A 109 -4.66 -12.97 -9.64
N LEU A 110 -4.88 -14.29 -9.51
CA LEU A 110 -3.96 -15.14 -8.68
C LEU A 110 -2.61 -15.20 -9.34
N GLY A 111 -1.54 -15.02 -8.56
CA GLY A 111 -0.21 -14.97 -9.13
C GLY A 111 0.35 -13.55 -9.10
N VAL A 112 -0.54 -12.55 -8.98
CA VAL A 112 -0.07 -11.18 -8.89
C VAL A 112 0.35 -10.86 -7.46
N GLU A 113 1.64 -10.54 -7.23
CA GLU A 113 2.08 -10.34 -5.85
C GLU A 113 1.54 -9.05 -5.18
N ILE A 114 1.40 -8.02 -5.98
CA ILE A 114 1.11 -6.65 -5.48
C ILE A 114 0.62 -5.83 -6.66
N ALA A 115 -0.39 -4.99 -6.43
CA ALA A 115 -0.87 -4.10 -7.45
C ALA A 115 0.14 -3.03 -7.81
N THR A 116 0.38 -2.87 -9.10
CA THR A 116 1.23 -1.82 -9.57
C THR A 116 0.57 -1.09 -10.72
N GLY A 117 1.32 -0.13 -11.25
CA GLY A 117 0.70 0.90 -12.07
C GLY A 117 1.23 2.30 -11.76
N PRO A 118 1.09 2.75 -10.52
CA PRO A 118 1.76 4.02 -10.21
C PRO A 118 3.27 3.75 -10.14
N LEU A 119 4.03 4.43 -10.97
CA LEU A 119 5.49 4.16 -11.10
C LEU A 119 6.24 4.46 -9.84
N GLY A 120 7.29 3.69 -9.64
CA GLY A 120 8.06 3.71 -8.42
C GLY A 120 7.58 2.78 -7.35
N GLN A 121 6.22 2.57 -7.18
CA GLN A 121 5.72 1.79 -6.06
C GLN A 121 6.31 0.44 -5.99
N GLY A 122 6.39 -0.25 -7.12
CA GLY A 122 6.78 -1.63 -7.13
C GLY A 122 8.22 -1.85 -6.67
N VAL A 123 9.07 -0.91 -6.97
CA VAL A 123 10.51 -1.01 -6.58
C VAL A 123 10.51 -0.95 -5.05
N ALA A 124 9.71 -0.02 -4.47
CA ALA A 124 9.61 0.08 -3.04
C ALA A 124 8.92 -1.12 -2.43
N ASN A 125 7.88 -1.62 -3.10
CA ASN A 125 7.28 -2.83 -2.64
C ASN A 125 8.32 -4.01 -2.60
N ALA A 126 9.08 -4.13 -3.66
CA ALA A 126 10.12 -5.19 -3.76
C ALA A 126 11.13 -5.03 -2.62
N VAL A 127 11.57 -3.82 -2.30
CA VAL A 127 12.41 -3.66 -1.10
C VAL A 127 11.66 -4.10 0.13
N GLY A 128 10.34 -3.78 0.26
CA GLY A 128 9.68 -4.26 1.37
C GLY A 128 9.50 -5.77 1.49
N PHE A 129 9.28 -6.47 0.36
CA PHE A 129 9.22 -7.88 0.38
C PHE A 129 10.57 -8.48 0.85
N ALA A 130 11.64 -7.85 0.44
CA ALA A 130 13.00 -8.28 0.87
C ALA A 130 13.25 -8.05 2.38
N MSE A 131 12.82 -6.91 2.92
CA MSE A 131 12.82 -6.71 4.37
C MSE A 131 11.97 -7.64 5.12
O MSE A 131 12.37 -8.13 6.16
CB MSE A 131 12.41 -5.21 4.70
CG MSE A 131 13.36 -4.19 4.10
SE MSE A 131 12.98 -2.29 4.53
CE MSE A 131 13.21 -2.30 6.38
N ALA A 132 10.70 -7.83 4.68
CA ALA A 132 9.81 -8.75 5.25
C ALA A 132 10.42 -10.20 5.30
N ALA A 133 11.06 -10.60 4.20
CA ALA A 133 11.69 -11.88 4.11
C ALA A 133 12.84 -11.97 5.13
N LYS A 134 13.59 -10.88 5.31
CA LYS A 134 14.67 -10.93 6.30
C LYS A 134 14.08 -11.03 7.70
N LYS A 135 12.94 -10.36 7.96
CA LYS A 135 12.30 -10.54 9.26
C LYS A 135 11.73 -11.94 9.46
N ALA A 136 11.06 -12.47 8.44
CA ALA A 136 10.52 -13.79 8.48
C ALA A 136 11.65 -14.85 8.77
N GLN A 137 12.79 -14.62 8.19
CA GLN A 137 13.98 -15.44 8.45
C GLN A 137 14.43 -15.32 9.89
N ASN A 138 14.35 -14.12 10.44
CA ASN A 138 14.65 -13.91 11.85
C ASN A 138 13.73 -14.69 12.74
N LEU A 139 12.43 -14.73 12.41
CA LEU A 139 11.48 -15.42 13.18
C LEU A 139 11.48 -16.93 12.99
N LEU A 140 11.64 -17.39 11.76
CA LEU A 140 11.35 -18.78 11.39
C LEU A 140 12.63 -19.58 11.04
N GLY A 141 13.76 -18.90 10.83
CA GLY A 141 15.07 -19.53 10.54
C GLY A 141 15.37 -19.58 9.05
N SER A 142 16.65 -19.64 8.69
CA SER A 142 16.98 -19.65 7.29
C SER A 142 16.73 -20.96 6.61
N ASP A 143 16.39 -22.00 7.38
CA ASP A 143 15.97 -23.30 6.85
C ASP A 143 14.61 -23.21 6.24
N LEU A 144 13.75 -22.31 6.76
CA LEU A 144 12.43 -22.11 6.23
C LEU A 144 12.24 -20.88 5.27
N ILE A 145 13.03 -19.83 5.45
CA ILE A 145 12.94 -18.64 4.60
C ILE A 145 14.27 -18.33 3.95
N ASP A 146 14.35 -18.49 2.65
CA ASP A 146 15.56 -18.21 1.93
C ASP A 146 15.37 -17.74 0.50
N HIS A 147 14.19 -17.28 0.17
CA HIS A 147 13.86 -17.00 -1.23
C HIS A 147 14.39 -15.65 -1.71
N LYS A 148 14.25 -15.41 -2.99
CA LYS A 148 14.65 -14.20 -3.64
C LYS A 148 13.46 -13.27 -3.87
N ILE A 149 13.74 -12.01 -4.11
CA ILE A 149 12.77 -11.03 -4.58
C ILE A 149 13.28 -10.38 -5.84
N TYR A 150 12.57 -10.65 -6.94
CA TYR A 150 12.91 -10.13 -8.24
C TYR A 150 11.96 -9.01 -8.62
N CYS A 151 12.53 -7.87 -9.02
CA CYS A 151 11.76 -6.75 -9.48
C CYS A 151 12.19 -6.31 -10.87
N LEU A 152 11.24 -6.22 -11.78
CA LEU A 152 11.46 -5.63 -13.09
C LEU A 152 11.02 -4.17 -13.06
N CYS A 153 11.89 -3.24 -13.42
CA CYS A 153 11.51 -1.81 -13.45
C CYS A 153 11.96 -1.14 -14.74
N GLY A 154 11.50 0.07 -14.98
CA GLY A 154 11.85 0.81 -16.17
C GLY A 154 12.43 2.17 -15.82
N ASP A 155 12.64 2.99 -16.82
CA ASP A 155 13.15 4.35 -16.65
C ASP A 155 12.27 5.14 -15.70
N GLY A 156 10.98 4.92 -15.86
CA GLY A 156 10.05 5.75 -15.11
C GLY A 156 10.15 5.47 -13.65
N ASP A 157 10.29 4.19 -13.31
CA ASP A 157 10.35 3.85 -11.90
C ASP A 157 11.58 4.52 -11.23
N LEU A 158 12.70 4.47 -11.91
CA LEU A 158 13.92 4.97 -11.31
C LEU A 158 14.03 6.49 -11.26
N GLN A 159 13.15 7.22 -11.96
CA GLN A 159 13.17 8.65 -11.86
C GLN A 159 12.35 9.09 -10.67
N GLU A 160 11.40 8.26 -10.24
CA GLU A 160 10.53 8.62 -9.08
C GLU A 160 11.36 8.62 -7.79
N GLY A 161 11.14 9.65 -6.97
CA GLY A 161 11.75 9.71 -5.66
C GLY A 161 11.67 8.48 -4.78
N ILE A 162 10.53 7.83 -4.79
CA ILE A 162 10.31 6.71 -3.96
C ILE A 162 11.31 5.56 -4.24
N SER A 163 11.80 5.48 -5.47
CA SER A 163 12.78 4.46 -5.84
C SER A 163 14.09 4.70 -5.12
N TYR A 164 14.51 5.95 -5.09
CA TYR A 164 15.72 6.30 -4.36
C TYR A 164 15.56 6.07 -2.84
N GLU A 165 14.41 6.42 -2.30
CA GLU A 165 14.17 6.22 -0.90
C GLU A 165 14.28 4.75 -0.53
N ALA A 166 13.63 3.91 -1.30
CA ALA A 166 13.51 2.54 -0.92
C ALA A 166 14.86 1.85 -1.12
N CYS A 167 15.54 2.23 -2.17
CA CYS A 167 16.86 1.61 -2.45
C CYS A 167 17.91 2.04 -1.42
N SER A 168 17.79 3.27 -0.95
CA SER A 168 18.59 3.72 0.24
C SER A 168 18.49 2.73 1.43
N LEU A 169 17.25 2.40 1.78
CA LEU A 169 16.99 1.42 2.80
C LEU A 169 17.50 -0.02 2.45
N ALA A 170 17.46 -0.39 1.18
CA ALA A 170 17.82 -1.74 0.79
C ALA A 170 19.33 -1.83 1.03
N GLY A 171 20.04 -0.80 0.74
CA GLY A 171 21.55 -0.79 0.96
C GLY A 171 21.93 -0.84 2.41
N LEU A 172 21.29 0.00 3.19
CA LEU A 172 21.51 0.02 4.61
C LEU A 172 21.27 -1.30 5.24
N HIS A 173 20.17 -2.00 4.88
CA HIS A 173 19.86 -3.23 5.49
C HIS A 173 20.53 -4.43 4.81
N LYS A 174 21.39 -4.19 3.84
CA LYS A 174 22.17 -5.30 3.20
C LYS A 174 21.23 -6.42 2.70
N LEU A 175 20.20 -6.02 1.94
CA LEU A 175 19.18 -7.00 1.46
C LEU A 175 19.73 -7.78 0.29
N ASP A 176 20.55 -8.79 0.64
CA ASP A 176 21.16 -9.69 -0.37
C ASP A 176 20.24 -10.79 -0.85
N ASN A 177 18.94 -10.55 -0.67
CA ASN A 177 17.90 -11.33 -1.30
C ASN A 177 17.12 -10.61 -2.42
N PHE A 178 17.51 -9.39 -2.70
CA PHE A 178 16.79 -8.46 -3.56
C PHE A 178 17.58 -8.33 -4.80
N ILE A 179 16.93 -8.66 -5.90
CA ILE A 179 17.46 -8.48 -7.21
C ILE A 179 16.58 -7.58 -8.09
N LEU A 180 17.17 -6.45 -8.49
CA LEU A 180 16.47 -5.42 -9.28
C LEU A 180 16.94 -5.41 -10.71
N ILE A 181 16.00 -5.68 -11.62
CA ILE A 181 16.30 -5.73 -13.07
C ILE A 181 15.74 -4.50 -13.80
N TYR A 182 16.65 -3.63 -14.19
CA TYR A 182 16.33 -2.36 -14.86
C TYR A 182 16.31 -2.52 -16.36
N ASP A 183 15.11 -2.35 -16.91
CA ASP A 183 14.89 -2.32 -18.34
C ASP A 183 15.35 -0.98 -18.93
N SER A 184 16.63 -0.89 -19.29
CA SER A 184 17.19 0.34 -19.79
C SER A 184 17.06 0.39 -21.33
N ASN A 185 15.94 0.90 -21.83
CA ASN A 185 15.65 0.99 -23.27
C ASN A 185 15.74 2.41 -23.88
N ASN A 186 16.12 3.37 -23.04
CA ASN A 186 16.28 4.75 -23.40
C ASN A 186 15.05 5.44 -24.00
N ILE A 187 13.85 4.89 -23.72
CA ILE A 187 12.63 5.43 -24.24
C ILE A 187 11.58 5.54 -23.14
N SER A 188 10.93 6.71 -23.12
CA SER A 188 9.71 6.98 -22.26
C SER A 188 8.67 7.59 -23.15
N ILE A 189 7.58 8.14 -22.60
CA ILE A 189 6.50 8.63 -23.43
C ILE A 189 6.88 9.86 -24.26
N GLU A 190 7.72 10.72 -23.68
CA GLU A 190 8.18 11.92 -24.37
C GLU A 190 9.37 11.61 -25.30
N GLY A 191 9.77 10.35 -25.38
CA GLY A 191 10.86 9.95 -26.27
C GLY A 191 12.18 9.62 -25.59
N ASP A 192 13.27 10.13 -26.15
CA ASP A 192 14.57 9.80 -25.64
C ASP A 192 14.62 10.20 -24.16
N VAL A 193 14.98 9.24 -23.33
CA VAL A 193 15.13 9.42 -21.89
C VAL A 193 16.21 10.48 -21.55
N GLY A 194 17.23 10.61 -22.40
CA GLY A 194 18.21 11.74 -22.29
C GLY A 194 17.64 13.17 -22.25
N LEU A 195 16.41 13.36 -22.69
CA LEU A 195 15.74 14.68 -22.54
C LEU A 195 15.53 15.07 -21.08
N ALA A 196 15.42 14.03 -20.24
CA ALA A 196 15.07 14.22 -18.82
C ALA A 196 15.99 13.55 -17.79
N PHE A 197 16.92 12.69 -18.22
CA PHE A 197 17.66 11.87 -17.27
C PHE A 197 19.01 11.41 -17.87
N ASN A 198 20.06 11.68 -17.15
CA ASN A 198 21.40 11.22 -17.61
C ASN A 198 22.30 10.85 -16.44
N GLU A 199 21.74 10.43 -15.32
CA GLU A 199 22.51 9.90 -14.16
C GLU A 199 23.42 8.74 -14.53
N ASN A 200 24.52 8.66 -13.81
CA ASN A 200 25.34 7.46 -13.83
C ASN A 200 24.68 6.49 -12.88
N VAL A 201 23.87 5.60 -13.47
CA VAL A 201 22.99 4.76 -12.65
C VAL A 201 23.78 3.78 -11.84
N LYS A 202 24.88 3.26 -12.41
CA LYS A 202 25.75 2.37 -11.68
C LYS A 202 26.31 3.04 -10.45
N MSE A 203 26.74 4.27 -10.61
CA MSE A 203 27.39 4.98 -9.51
C MSE A 203 26.32 5.31 -8.43
O MSE A 203 26.52 5.11 -7.26
CB MSE A 203 28.15 6.22 -10.04
CG MSE A 203 28.99 6.82 -8.95
SE MSE A 203 29.81 8.48 -9.32
CE MSE A 203 29.82 8.53 -11.12
N ARG A 204 25.15 5.72 -8.87
CA ARG A 204 24.02 5.92 -7.99
C ARG A 204 23.75 4.75 -7.09
N PHE A 205 23.61 3.59 -7.65
CA PHE A 205 23.30 2.42 -6.86
C PHE A 205 24.42 1.91 -5.97
N GLU A 206 25.66 2.02 -6.49
CA GLU A 206 26.79 1.67 -5.66
C GLU A 206 26.90 2.60 -4.45
N ALA A 207 26.55 3.86 -4.67
CA ALA A 207 26.49 4.83 -3.53
C ALA A 207 25.48 4.39 -2.46
N GLN A 208 24.42 3.64 -2.83
CA GLN A 208 23.51 3.11 -1.90
C GLN A 208 23.77 1.67 -1.43
N GLY A 209 24.96 1.11 -1.72
CA GLY A 209 25.30 -0.17 -1.26
C GLY A 209 24.87 -1.34 -2.16
N PHE A 210 24.68 -1.12 -3.43
CA PHE A 210 24.28 -2.22 -4.34
C PHE A 210 25.54 -2.78 -5.08
N GLU A 211 25.49 -4.03 -5.50
CA GLU A 211 26.34 -4.54 -6.56
C GLU A 211 25.63 -4.33 -7.85
N VAL A 212 26.32 -3.86 -8.87
CA VAL A 212 25.70 -3.49 -10.13
C VAL A 212 26.32 -4.27 -11.29
N LEU A 213 25.47 -4.98 -12.02
CA LEU A 213 25.86 -5.72 -13.25
C LEU A 213 25.23 -5.08 -14.45
N SER A 214 25.89 -5.19 -15.59
CA SER A 214 25.47 -4.45 -16.77
C SER A 214 25.43 -5.42 -17.96
N ILE A 215 24.26 -5.61 -18.53
CA ILE A 215 24.11 -6.62 -19.62
C ILE A 215 23.35 -6.13 -20.84
N ASN A 216 23.49 -6.91 -21.93
CA ASN A 216 22.59 -6.89 -23.06
C ASN A 216 21.38 -7.75 -22.73
N GLY A 217 20.21 -7.13 -22.62
CA GLY A 217 19.03 -7.85 -22.17
C GLY A 217 18.35 -8.69 -23.23
N HIS A 218 18.96 -8.77 -24.41
CA HIS A 218 18.50 -9.70 -25.45
C HIS A 218 19.52 -10.79 -25.73
N ASP A 219 20.55 -10.90 -24.90
CA ASP A 219 21.49 -11.99 -25.05
C ASP A 219 21.25 -13.00 -23.95
N TYR A 220 20.73 -14.16 -24.33
CA TYR A 220 20.36 -15.18 -23.35
C TYR A 220 21.45 -15.66 -22.41
N GLU A 221 22.65 -15.89 -22.91
CA GLU A 221 23.72 -16.29 -22.00
C GLU A 221 24.09 -15.15 -21.06
N GLU A 222 24.05 -13.93 -21.51
CA GLU A 222 24.48 -12.82 -20.61
C GLU A 222 23.44 -12.68 -19.49
N ILE A 223 22.18 -12.82 -19.87
CA ILE A 223 21.08 -12.71 -18.87
C ILE A 223 21.26 -13.78 -17.86
N ASN A 224 21.44 -15.02 -18.33
CA ASN A 224 21.62 -16.11 -17.43
C ASN A 224 22.82 -15.97 -16.49
N LYS A 225 23.98 -15.55 -17.02
CA LYS A 225 25.16 -15.35 -16.19
C LYS A 225 24.92 -14.25 -15.12
N ALA A 226 24.23 -13.20 -15.48
CA ALA A 226 23.93 -12.10 -14.49
C ALA A 226 23.03 -12.59 -13.36
N LEU A 227 22.01 -13.39 -13.70
CA LEU A 227 21.15 -13.93 -12.69
C LEU A 227 21.91 -14.84 -11.78
N GLU A 228 22.75 -15.74 -12.32
CA GLU A 228 23.59 -16.53 -11.48
C GLU A 228 24.47 -15.72 -10.51
N GLN A 229 25.11 -14.68 -11.01
CA GLN A 229 26.02 -13.82 -10.20
C GLN A 229 25.13 -13.03 -9.17
N ALA A 230 23.99 -12.53 -9.66
CA ALA A 230 23.08 -11.81 -8.73
C ALA A 230 22.63 -12.65 -7.57
N LYS A 231 22.28 -13.91 -7.82
CA LYS A 231 21.81 -14.75 -6.73
C LYS A 231 22.83 -15.08 -5.67
N LYS A 232 24.11 -14.86 -6.02
CA LYS A 232 25.24 -15.03 -5.12
C LYS A 232 25.74 -13.75 -4.47
N SER A 233 25.08 -12.64 -4.77
CA SER A 233 25.58 -11.34 -4.27
C SER A 233 25.49 -11.26 -2.75
N THR A 234 26.45 -10.57 -2.14
CA THR A 234 26.35 -10.28 -0.72
C THR A 234 25.69 -8.88 -0.50
N LYS A 235 25.22 -8.27 -1.57
CA LYS A 235 24.56 -6.95 -1.56
C LYS A 235 23.23 -7.06 -2.26
N PRO A 236 22.27 -6.12 -1.95
CA PRO A 236 21.27 -5.95 -3.03
C PRO A 236 21.87 -5.68 -4.40
N CYS A 237 21.30 -6.30 -5.43
CA CYS A 237 21.92 -6.31 -6.73
C CYS A 237 21.04 -5.71 -7.80
N LEU A 238 21.59 -4.83 -8.63
CA LEU A 238 20.91 -4.23 -9.78
C LEU A 238 21.52 -4.78 -11.03
N ILE A 239 20.67 -5.32 -11.88
CA ILE A 239 21.05 -5.63 -13.25
C ILE A 239 20.57 -4.57 -14.21
N ILE A 240 21.50 -3.87 -14.82
CA ILE A 240 21.19 -2.89 -15.81
C ILE A 240 21.14 -3.60 -17.12
N ALA A 241 19.92 -3.78 -17.63
CA ALA A 241 19.73 -4.57 -18.84
C ALA A 241 19.40 -3.65 -20.01
N LYS A 242 20.35 -3.51 -20.94
CA LYS A 242 20.12 -2.66 -22.09
C LYS A 242 19.19 -3.42 -23.06
N THR A 243 18.03 -2.85 -23.38
CA THR A 243 17.08 -3.49 -24.28
C THR A 243 16.59 -2.49 -25.32
N THR A 244 15.92 -3.02 -26.34
CA THR A 244 15.32 -2.21 -27.33
C THR A 244 13.81 -2.32 -27.08
N ILE A 245 13.15 -1.19 -26.94
CA ILE A 245 11.70 -1.18 -26.79
C ILE A 245 11.08 -1.81 -28.05
N ALA A 246 10.06 -2.65 -27.83
CA ALA A 246 9.36 -3.37 -28.93
C ALA A 246 10.34 -4.24 -29.78
N LYS A 247 11.35 -4.78 -29.13
CA LYS A 247 12.29 -5.71 -29.79
C LYS A 247 11.47 -6.76 -30.56
N GLY A 248 11.74 -6.86 -31.85
CA GLY A 248 11.10 -7.86 -32.68
C GLY A 248 10.02 -7.27 -33.53
N ALA A 249 9.59 -6.03 -33.27
CA ALA A 249 8.48 -5.44 -34.03
C ALA A 249 8.87 -4.49 -35.18
N GLY A 250 9.97 -4.83 -35.84
CA GLY A 250 10.44 -4.14 -37.01
C GLY A 250 10.50 -2.63 -36.98
N GLU A 251 9.63 -2.01 -37.77
CA GLU A 251 9.62 -0.54 -37.90
C GLU A 251 9.32 0.20 -36.57
N LEU A 252 8.76 -0.53 -35.60
CA LEU A 252 8.48 0.04 -34.25
C LEU A 252 9.57 -0.21 -33.21
N GLU A 253 10.62 -0.96 -33.55
CA GLU A 253 11.73 -1.14 -32.63
C GLU A 253 12.30 0.19 -32.25
N GLY A 254 12.56 0.43 -30.96
CA GLY A 254 13.12 1.71 -30.52
C GLY A 254 12.20 2.93 -30.66
N SER A 255 10.92 2.75 -30.96
CA SER A 255 10.09 3.88 -31.21
C SER A 255 9.30 4.18 -29.96
N HIS A 256 9.13 5.44 -29.61
CA HIS A 256 8.26 5.79 -28.47
C HIS A 256 6.81 5.47 -28.80
N LYS A 257 6.48 5.35 -30.07
CA LYS A 257 5.08 5.09 -30.45
C LYS A 257 4.62 3.69 -30.01
N SER A 258 5.59 2.80 -29.78
CA SER A 258 5.34 1.45 -29.25
C SER A 258 5.07 1.35 -27.73
N HIS A 259 5.24 2.46 -27.00
CA HIS A 259 5.13 2.39 -25.54
C HIS A 259 3.72 2.02 -25.17
N GLY A 260 2.79 2.71 -25.79
CA GLY A 260 1.43 2.87 -25.25
C GLY A 260 0.26 2.77 -26.20
N ALA A 261 0.48 2.11 -27.33
CA ALA A 261 -0.61 1.91 -28.32
C ALA A 261 -0.33 0.62 -29.06
N PRO A 262 -1.39 -0.03 -29.57
CA PRO A 262 -1.23 -1.28 -30.27
C PRO A 262 -0.20 -1.20 -31.40
N LEU A 263 0.49 -2.30 -31.65
CA LEU A 263 1.51 -2.30 -32.74
C LEU A 263 0.91 -2.24 -34.13
N GLY A 264 -0.32 -2.71 -34.27
CA GLY A 264 -1.02 -2.69 -35.59
C GLY A 264 -0.93 -4.08 -36.19
N GLU A 265 -1.96 -4.47 -36.94
CA GLU A 265 -2.01 -5.84 -37.50
C GLU A 265 -0.85 -6.18 -38.47
N GLU A 266 -0.42 -5.23 -39.28
CA GLU A 266 0.62 -5.57 -40.31
C GLU A 266 1.98 -5.66 -39.70
N VAL A 267 2.23 -4.81 -38.69
CA VAL A 267 3.47 -4.93 -37.90
C VAL A 267 3.56 -6.27 -37.20
N ILE A 268 2.46 -6.74 -36.61
CA ILE A 268 2.47 -8.06 -35.94
C ILE A 268 2.71 -9.20 -36.98
N LYS A 269 2.05 -9.07 -38.13
CA LYS A 269 2.19 -10.08 -39.21
C LYS A 269 3.66 -10.23 -39.59
N LYS A 270 4.32 -9.13 -39.87
CA LYS A 270 5.78 -9.15 -40.16
C LYS A 270 6.63 -9.73 -39.06
N ALA A 271 6.29 -9.38 -37.80
CA ALA A 271 7.08 -9.80 -36.66
C ALA A 271 7.06 -11.31 -36.52
N LYS A 272 5.86 -11.86 -36.68
CA LYS A 272 5.65 -13.27 -36.58
C LYS A 272 6.41 -13.96 -37.74
N GLU A 273 6.35 -13.41 -38.93
CA GLU A 273 7.10 -13.98 -40.11
C GLU A 273 8.59 -14.10 -39.86
N GLN A 274 9.18 -13.00 -39.41
CA GLN A 274 10.59 -12.98 -39.05
C GLN A 274 10.99 -13.92 -37.92
N ALA A 275 10.05 -14.25 -37.01
CA ALA A 275 10.32 -15.22 -35.91
C ALA A 275 9.93 -16.66 -36.22
N GLY A 276 9.37 -16.91 -37.41
CA GLY A 276 9.00 -18.28 -37.77
C GLY A 276 7.61 -18.66 -37.27
N PHE A 277 6.82 -17.68 -36.87
CA PHE A 277 5.45 -17.94 -36.41
C PHE A 277 4.48 -17.68 -37.56
N ASP A 278 3.37 -18.38 -37.58
CA ASP A 278 2.34 -18.17 -38.57
C ASP A 278 1.65 -16.86 -38.29
N PRO A 279 1.67 -15.95 -39.24
CA PRO A 279 1.07 -14.60 -39.08
C PRO A 279 -0.43 -14.53 -39.18
N ASN A 280 -1.07 -15.59 -39.65
CA ASN A 280 -2.53 -15.60 -39.80
C ASN A 280 -3.27 -16.22 -38.64
N ILE A 281 -2.59 -16.51 -37.55
CA ILE A 281 -3.33 -16.94 -36.36
C ILE A 281 -2.86 -16.09 -35.17
N SER A 282 -3.70 -16.03 -34.15
CA SER A 282 -3.34 -15.27 -32.97
C SER A 282 -3.49 -16.17 -31.74
N PHE A 283 -2.84 -15.78 -30.64
CA PHE A 283 -2.91 -16.51 -29.37
C PHE A 283 -2.47 -17.96 -29.52
N HIS A 284 -1.35 -18.13 -30.23
CA HIS A 284 -0.77 -19.43 -30.49
C HIS A 284 0.39 -19.69 -29.57
N ILE A 285 0.35 -20.85 -28.92
CA ILE A 285 1.41 -21.29 -28.09
C ILE A 285 2.07 -22.52 -28.73
N PRO A 286 3.29 -22.37 -29.27
CA PRO A 286 3.93 -23.59 -29.81
C PRO A 286 4.16 -24.64 -28.75
N GLN A 287 4.21 -25.90 -29.22
CA GLN A 287 4.39 -27.05 -28.31
C GLN A 287 5.59 -27.04 -27.37
N ALA A 288 6.80 -26.86 -27.90
CA ALA A 288 8.00 -26.94 -27.06
C ALA A 288 7.92 -25.90 -25.93
N SER A 289 7.52 -24.68 -26.31
CA SER A 289 7.33 -23.56 -25.35
C SER A 289 6.29 -23.86 -24.31
N LYS A 290 5.12 -24.30 -24.77
CA LYS A 290 4.07 -24.77 -23.86
C LYS A 290 4.56 -25.75 -22.79
N ILE A 291 5.27 -26.81 -23.18
CA ILE A 291 5.70 -27.87 -22.25
C ILE A 291 6.74 -27.31 -21.31
N ARG A 292 7.64 -26.52 -21.88
CA ARG A 292 8.76 -25.96 -21.12
C ARG A 292 8.24 -24.97 -20.08
N PHE A 293 7.38 -24.04 -20.46
CA PHE A 293 6.82 -23.11 -19.42
C PHE A 293 6.04 -23.83 -18.32
N GLU A 294 5.17 -24.79 -18.71
CA GLU A 294 4.27 -25.44 -17.77
C GLU A 294 5.01 -26.43 -16.89
N SER A 295 6.27 -26.74 -17.20
CA SER A 295 7.04 -27.57 -16.29
C SER A 295 7.20 -26.95 -14.88
N ALA A 296 7.01 -25.63 -14.79
CA ALA A 296 6.89 -24.95 -13.47
C ALA A 296 5.89 -25.63 -12.53
N VAL A 297 4.83 -26.20 -13.09
CA VAL A 297 3.86 -26.87 -12.24
C VAL A 297 4.43 -28.07 -11.42
N GLU A 298 5.05 -29.01 -12.14
CA GLU A 298 5.66 -30.16 -11.49
C GLU A 298 6.82 -29.75 -10.58
N LEU A 299 7.70 -28.88 -11.06
CA LEU A 299 8.85 -28.44 -10.29
C LEU A 299 8.46 -27.66 -9.04
N GLY A 300 7.42 -26.87 -9.14
CA GLY A 300 6.99 -26.04 -8.01
C GLY A 300 6.30 -26.86 -6.97
N ASP A 301 5.53 -27.85 -7.41
CA ASP A 301 4.95 -28.80 -6.50
C ASP A 301 6.04 -29.49 -5.69
N LEU A 302 7.11 -29.89 -6.36
CA LEU A 302 8.16 -30.61 -5.67
C LEU A 302 8.89 -29.69 -4.69
N GLU A 303 9.22 -28.47 -5.11
CA GLU A 303 9.85 -27.48 -4.20
C GLU A 303 8.98 -27.18 -2.98
N GLU A 304 7.70 -26.97 -3.18
CA GLU A 304 6.81 -26.75 -2.01
C GLU A 304 6.78 -27.97 -1.06
N ALA A 305 6.69 -29.17 -1.61
CA ALA A 305 6.69 -30.40 -0.79
C ALA A 305 7.99 -30.54 0.05
N LYS A 306 9.12 -30.21 -0.57
CA LYS A 306 10.38 -30.30 0.11
C LYS A 306 10.39 -29.28 1.28
N TRP A 307 9.84 -28.09 1.02
CA TRP A 307 9.70 -27.09 2.08
C TRP A 307 8.78 -27.49 3.21
N LYS A 308 7.62 -28.05 2.87
CA LYS A 308 6.69 -28.53 3.87
C LYS A 308 7.32 -29.63 4.73
N ASP A 309 8.23 -30.42 4.14
CA ASP A 309 8.99 -31.37 4.96
C ASP A 309 9.92 -30.70 5.95
N LYS A 310 10.61 -29.63 5.51
CA LYS A 310 11.47 -28.83 6.41
C LYS A 310 10.60 -28.19 7.50
N LEU A 311 9.39 -27.72 7.15
CA LEU A 311 8.52 -27.14 8.18
C LEU A 311 8.17 -28.13 9.25
N GLU A 312 7.88 -29.37 8.83
CA GLU A 312 7.42 -30.39 9.79
C GLU A 312 8.52 -30.75 10.79
N LYS A 313 9.78 -30.70 10.37
CA LYS A 313 10.90 -30.89 11.28
C LYS A 313 11.25 -29.67 12.12
N SER A 314 10.66 -28.53 11.80
CA SER A 314 11.06 -27.26 12.40
C SER A 314 10.54 -27.09 13.81
N ALA A 315 11.34 -26.46 14.64
CA ALA A 315 10.87 -26.00 15.94
C ALA A 315 9.82 -24.82 15.85
N LYS A 316 9.59 -24.31 14.66
CA LYS A 316 8.89 -23.01 14.49
C LYS A 316 7.48 -23.20 13.91
N LYS A 317 6.96 -24.43 13.91
CA LYS A 317 5.61 -24.72 13.37
C LYS A 317 4.49 -24.05 14.11
N GLU A 318 4.58 -24.08 15.43
CA GLU A 318 3.56 -23.51 16.28
C GLU A 318 3.53 -21.95 16.08
N LEU A 319 4.71 -21.38 16.02
CA LEU A 319 4.85 -19.96 15.77
C LEU A 319 4.20 -19.61 14.41
N LEU A 320 4.54 -20.33 13.35
CA LEU A 320 4.02 -19.99 12.05
C LEU A 320 2.51 -20.06 12.13
N GLU A 321 1.94 -21.05 12.83
CA GLU A 321 0.49 -21.11 12.91
C GLU A 321 -0.13 -19.91 13.68
N ARG A 322 0.54 -19.41 14.71
CA ARG A 322 0.03 -18.21 15.37
C ARG A 322 0.11 -16.97 14.45
N LEU A 323 1.18 -16.88 13.65
CA LEU A 323 1.34 -15.77 12.70
C LEU A 323 0.24 -15.80 11.66
N LEU A 324 -0.10 -16.99 11.20
CA LEU A 324 -1.06 -17.11 10.14
C LEU A 324 -2.48 -16.93 10.64
N ASN A 325 -2.70 -17.10 11.93
CA ASN A 325 -4.03 -17.13 12.52
C ASN A 325 -4.08 -16.29 13.76
N PRO A 326 -3.84 -15.00 13.63
CA PRO A 326 -3.80 -14.20 14.84
C PRO A 326 -5.14 -14.19 15.56
N ASP A 327 -5.08 -14.16 16.87
CA ASP A 327 -6.29 -14.11 17.68
C ASP A 327 -6.44 -12.72 18.27
N PHE A 328 -7.28 -11.91 17.64
CA PHE A 328 -7.44 -10.52 18.08
C PHE A 328 -8.39 -10.41 19.25
N ASN A 329 -9.31 -11.34 19.37
CA ASN A 329 -10.35 -11.22 20.37
C ASN A 329 -9.81 -11.40 21.81
N LYS A 330 -8.70 -12.10 21.99
CA LYS A 330 -8.14 -12.34 23.32
C LYS A 330 -7.36 -11.16 23.92
N ILE A 331 -7.05 -10.14 23.12
CA ILE A 331 -6.12 -9.08 23.51
C ILE A 331 -6.76 -8.23 24.60
N ALA A 332 -6.04 -8.02 25.68
CA ALA A 332 -6.51 -7.09 26.71
C ALA A 332 -5.93 -5.68 26.50
N TYR A 333 -6.79 -4.78 26.07
CA TYR A 333 -6.40 -3.41 25.80
C TYR A 333 -6.28 -2.58 27.10
N PRO A 334 -5.55 -1.43 27.06
CA PRO A 334 -5.55 -0.57 28.25
C PRO A 334 -6.93 -0.01 28.47
N ASP A 335 -7.23 0.26 29.72
CA ASP A 335 -8.52 0.83 30.08
C ASP A 335 -8.29 2.28 30.35
N PHE A 336 -8.75 3.12 29.44
CA PHE A 336 -8.48 4.53 29.57
C PHE A 336 -9.67 5.32 30.10
N LYS A 337 -10.70 4.64 30.58
CA LYS A 337 -11.88 5.33 31.08
C LYS A 337 -11.52 6.35 32.16
N GLY A 338 -11.96 7.59 31.91
CA GLY A 338 -11.81 8.73 32.82
C GLY A 338 -10.43 9.38 32.81
N LYS A 339 -9.55 8.96 31.92
CA LYS A 339 -8.20 9.46 31.85
C LYS A 339 -8.08 10.48 30.71
N ASP A 340 -7.64 11.71 31.05
CA ASP A 340 -7.37 12.81 30.11
C ASP A 340 -6.02 12.52 29.49
N LEU A 341 -5.95 12.39 28.17
CA LEU A 341 -4.66 12.12 27.55
C LEU A 341 -4.71 12.63 26.11
N ALA A 342 -3.55 12.93 25.56
CA ALA A 342 -3.46 13.18 24.09
C ALA A 342 -3.67 11.80 23.43
N THR A 343 -4.36 11.75 22.31
CA THR A 343 -4.62 10.46 21.73
C THR A 343 -3.36 9.92 21.03
N ARG A 344 -2.35 10.74 20.81
CA ARG A 344 -1.04 10.14 20.37
C ARG A 344 -0.50 9.19 21.46
N ASP A 345 -0.77 9.56 22.71
CA ASP A 345 -0.31 8.83 23.85
C ASP A 345 -1.10 7.57 24.14
N SER A 346 -2.41 7.65 24.13
CA SER A 346 -3.25 6.48 24.25
C SER A 346 -2.87 5.52 23.10
N ASN A 347 -2.62 6.06 21.92
CA ASN A 347 -2.46 5.17 20.77
C ASN A 347 -1.09 4.45 20.94
N GLY A 348 -0.13 5.18 21.44
CA GLY A 348 1.19 4.58 21.62
C GLY A 348 1.15 3.42 22.65
N GLU A 349 0.37 3.60 23.72
CA GLU A 349 0.15 2.47 24.67
C GLU A 349 -0.50 1.27 24.00
N ILE A 350 -1.47 1.53 23.11
CA ILE A 350 -2.16 0.48 22.37
C ILE A 350 -1.20 -0.24 21.43
N LEU A 351 -0.38 0.52 20.71
CA LEU A 351 0.67 -0.07 19.83
C LEU A 351 1.53 -1.08 20.65
N ASN A 352 1.95 -0.68 21.83
CA ASN A 352 2.75 -1.56 22.73
C ASN A 352 2.04 -2.87 23.15
N VAL A 353 0.77 -2.78 23.50
CA VAL A 353 -0.05 -3.90 23.79
C VAL A 353 -0.16 -4.79 22.56
N LEU A 354 -0.42 -4.20 21.40
CA LEU A 354 -0.54 -5.08 20.23
C LEU A 354 0.77 -5.78 19.93
N ALA A 355 1.91 -5.10 20.08
CA ALA A 355 3.22 -5.66 19.68
C ALA A 355 3.52 -6.83 20.64
N LYS A 356 3.09 -6.68 21.88
CA LYS A 356 3.29 -7.75 22.86
C LYS A 356 2.42 -8.95 22.65
N ASN A 357 1.20 -8.75 22.12
CA ASN A 357 0.28 -9.82 21.92
C ASN A 357 0.37 -10.54 20.53
N LEU A 358 0.95 -9.85 19.55
CA LEU A 358 1.00 -10.32 18.19
C LEU A 358 2.45 -10.38 17.66
N GLU A 359 2.92 -11.61 17.48
CA GLU A 359 4.29 -11.80 17.14
C GLU A 359 4.57 -11.18 15.76
N GLY A 360 3.55 -11.05 14.91
CA GLY A 360 3.74 -10.46 13.59
C GLY A 360 3.44 -8.97 13.39
N PHE A 361 3.07 -8.30 14.50
CA PHE A 361 2.76 -6.86 14.53
C PHE A 361 4.02 -6.04 14.72
N LEU A 362 4.33 -5.16 13.78
CA LEU A 362 5.56 -4.40 13.86
C LEU A 362 5.35 -3.14 12.98
N GLY A 363 6.34 -2.27 12.93
CA GLY A 363 6.24 -1.06 12.13
C GLY A 363 7.17 -0.01 12.65
N GLY A 364 6.93 1.23 12.23
CA GLY A 364 7.65 2.33 12.76
C GLY A 364 7.23 3.65 12.12
N SER A 365 8.04 4.65 12.37
CA SER A 365 7.78 6.02 11.97
C SER A 365 8.81 6.51 11.01
N ALA A 366 8.45 7.55 10.28
CA ALA A 366 9.36 8.22 9.42
C ALA A 366 10.16 9.31 10.20
N ASP A 367 11.16 8.85 10.97
CA ASP A 367 11.97 9.67 11.88
C ASP A 367 11.20 10.33 13.00
N LEU A 368 9.92 9.99 13.21
CA LEU A 368 9.11 10.71 14.24
C LEU A 368 8.64 9.87 15.44
N GLY A 369 9.34 8.75 15.68
CA GLY A 369 8.99 7.85 16.80
C GLY A 369 8.67 8.54 18.09
N PRO A 370 9.59 9.37 18.54
CA PRO A 370 9.39 10.10 19.78
C PRO A 370 8.21 11.10 19.83
N SER A 371 7.77 11.67 18.69
CA SER A 371 6.71 12.64 18.63
C SER A 371 5.38 11.94 18.30
N ASN A 372 5.45 10.91 17.46
CA ASN A 372 4.24 10.08 17.15
C ASN A 372 3.89 9.13 18.29
N LYS A 373 4.86 8.91 19.20
CA LYS A 373 4.67 7.99 20.30
C LYS A 373 4.48 6.53 19.81
N THR A 374 5.30 6.09 18.86
CA THR A 374 5.13 4.77 18.27
C THR A 374 6.26 3.79 18.64
N GLU A 375 7.21 4.22 19.50
CA GLU A 375 8.27 3.31 19.86
C GLU A 375 7.66 2.11 20.61
N LEU A 376 8.07 0.93 20.21
CA LEU A 376 7.62 -0.31 20.84
C LEU A 376 8.69 -0.66 21.88
N HIS A 377 8.38 -0.40 23.13
CA HIS A 377 9.42 -0.34 24.18
C HIS A 377 9.90 -1.74 24.49
N SER A 378 11.23 -1.85 24.54
CA SER A 378 11.91 -3.09 24.87
C SER A 378 11.69 -4.13 23.80
N MSE A 379 11.34 -3.72 22.58
CA MSE A 379 11.13 -4.75 21.56
C MSE A 379 12.17 -4.76 20.49
O MSE A 379 12.07 -5.55 19.53
CB MSE A 379 9.71 -4.69 21.01
CG MSE A 379 8.76 -4.55 22.10
SE MSE A 379 7.05 -5.38 21.83
CE MSE A 379 6.05 -4.08 22.90
N GLY A 380 13.18 -3.91 20.63
CA GLY A 380 14.34 -3.95 19.77
C GLY A 380 14.15 -3.30 18.43
N ASP A 381 15.26 -3.20 17.72
CA ASP A 381 15.32 -2.60 16.40
C ASP A 381 15.36 -3.72 15.35
N PHE A 382 14.71 -3.49 14.20
CA PHE A 382 14.78 -4.36 13.02
C PHE A 382 16.27 -4.62 12.64
N VAL A 383 16.67 -5.84 12.24
CA VAL A 383 15.81 -7.03 12.01
C VAL A 383 15.56 -7.90 13.24
N GLU A 384 16.42 -7.80 14.28
CA GLU A 384 16.24 -8.63 15.44
C GLU A 384 14.99 -8.34 16.17
N GLY A 385 14.56 -7.07 16.18
CA GLY A 385 13.39 -6.65 16.86
C GLY A 385 12.31 -6.09 15.96
N LYS A 386 11.39 -5.33 16.56
CA LYS A 386 10.18 -4.88 15.88
C LYS A 386 10.16 -3.43 15.39
N ASN A 387 10.94 -2.52 15.97
CA ASN A 387 10.94 -1.13 15.55
C ASN A 387 11.72 -0.90 14.27
N ILE A 388 11.03 -0.36 13.25
CA ILE A 388 11.64 -0.03 12.00
C ILE A 388 11.86 1.49 11.93
N HIS A 389 13.09 1.86 11.65
CA HIS A 389 13.51 3.23 11.54
C HIS A 389 13.52 3.56 10.09
N PHE A 390 12.41 4.11 9.61
CA PHE A 390 12.34 4.37 8.18
C PHE A 390 13.08 5.54 7.66
N GLY A 391 13.56 6.43 8.54
CA GLY A 391 14.08 7.68 8.12
C GLY A 391 13.02 8.63 7.62
N ILE A 392 13.47 9.73 7.02
CA ILE A 392 12.59 10.75 6.49
C ILE A 392 12.13 10.36 5.06
N ARG A 393 11.34 9.30 5.01
CA ARG A 393 10.94 8.62 3.80
C ARG A 393 9.49 8.11 3.87
N GLU A 394 8.55 9.00 4.02
CA GLU A 394 7.17 8.62 4.29
C GLU A 394 6.63 7.74 3.16
N HIS A 395 6.89 8.16 1.93
CA HIS A 395 6.35 7.43 0.77
C HIS A 395 6.87 5.97 0.67
N ALA A 396 8.18 5.77 0.64
CA ALA A 396 8.68 4.47 0.72
C ALA A 396 8.30 3.66 1.95
N MSE A 397 8.17 4.27 3.13
CA MSE A 397 7.68 3.58 4.28
C MSE A 397 6.34 2.91 3.99
O MSE A 397 6.18 1.73 4.32
CB MSE A 397 7.48 4.55 5.44
CG MSE A 397 6.77 3.98 6.60
SE MSE A 397 6.68 5.22 8.08
CE MSE A 397 5.50 6.63 7.17
N ALA A 398 5.42 3.65 3.40
CA ALA A 398 4.10 3.12 3.13
C ALA A 398 4.10 2.03 2.07
N ALA A 399 4.88 2.22 1.02
CA ALA A 399 4.98 1.19 -0.01
C ALA A 399 5.65 -0.10 0.53
N ILE A 400 6.67 0.08 1.36
CA ILE A 400 7.31 -1.03 2.08
C ILE A 400 6.37 -1.79 2.97
N ASN A 401 5.56 -1.05 3.72
CA ASN A 401 4.67 -1.69 4.56
C ASN A 401 3.50 -2.32 3.82
N ASN A 402 3.13 -1.79 2.67
CA ASN A 402 2.17 -2.52 1.80
C ASN A 402 2.65 -3.93 1.46
N ALA A 403 3.94 -4.08 1.22
CA ALA A 403 4.48 -5.36 0.93
C ALA A 403 4.58 -6.19 2.19
N PHE A 404 4.99 -5.65 3.35
CA PHE A 404 4.90 -6.42 4.59
C PHE A 404 3.49 -7.00 4.77
N ALA A 405 2.48 -6.22 4.45
CA ALA A 405 1.11 -6.66 4.65
C ALA A 405 0.73 -7.77 3.66
N ARG A 406 1.39 -7.85 2.52
CA ARG A 406 1.14 -8.92 1.52
C ARG A 406 2.04 -10.14 1.68
N TYR A 407 3.06 -10.04 2.54
CA TYR A 407 4.10 -11.09 2.61
C TYR A 407 3.50 -12.40 3.05
N GLY A 408 2.64 -12.32 4.08
CA GLY A 408 1.82 -13.42 4.52
C GLY A 408 1.73 -13.63 6.01
N ILE A 409 2.59 -13.00 6.82
CA ILE A 409 2.61 -13.25 8.29
C ILE A 409 2.70 -11.99 9.15
N PHE A 410 2.62 -10.81 8.50
CA PHE A 410 2.88 -9.53 9.22
C PHE A 410 1.63 -8.63 9.26
N LEU A 411 1.59 -7.82 10.32
CA LEU A 411 0.55 -6.76 10.57
C LEU A 411 1.29 -5.46 10.78
N PRO A 412 1.54 -4.69 9.69
CA PRO A 412 2.41 -3.54 9.76
C PRO A 412 1.70 -2.21 10.08
N PHE A 413 2.41 -1.34 10.75
CA PHE A 413 2.01 0.08 10.85
C PHE A 413 3.07 1.07 10.38
N SER A 414 2.55 2.11 9.72
CA SER A 414 3.25 3.29 9.24
C SER A 414 2.81 4.54 10.00
N ALA A 415 3.80 5.31 10.45
CA ALA A 415 3.56 6.53 11.24
C ALA A 415 4.30 7.75 10.77
N THR A 416 3.55 8.87 10.80
CA THR A 416 4.04 10.21 10.59
C THR A 416 2.98 11.24 11.14
N PHE A 417 3.30 12.54 11.01
CA PHE A 417 2.34 13.63 11.29
C PHE A 417 1.25 13.57 10.20
N PHE A 418 0.02 13.84 10.56
CA PHE A 418 -1.04 13.77 9.58
C PHE A 418 -0.82 14.66 8.38
N ILE A 419 -0.15 15.83 8.57
CA ILE A 419 0.11 16.69 7.47
C ILE A 419 0.99 15.95 6.43
N PHE A 420 1.93 15.13 6.90
CA PHE A 420 2.80 14.43 5.97
C PHE A 420 2.24 13.08 5.50
N SER A 421 0.94 12.80 5.73
CA SER A 421 0.25 11.71 5.10
C SER A 421 0.30 12.04 3.61
N GLU A 422 0.33 13.33 3.22
CA GLU A 422 0.27 13.69 1.79
C GLU A 422 1.48 13.16 1.02
N TYR A 423 2.59 12.99 1.72
CA TYR A 423 3.78 12.43 1.05
C TYR A 423 3.61 10.94 0.72
N LEU A 424 2.77 10.19 1.42
CA LEU A 424 2.62 8.72 1.25
C LEU A 424 1.26 8.33 0.67
N LYS A 425 0.36 9.31 0.49
CA LYS A 425 -1.01 9.07 -0.02
C LYS A 425 -1.05 8.12 -1.26
N PRO A 426 -0.14 8.23 -2.23
CA PRO A 426 -0.32 7.25 -3.33
C PRO A 426 -0.18 5.81 -2.90
N ALA A 427 0.76 5.49 -2.01
CA ALA A 427 0.83 4.16 -1.45
C ALA A 427 -0.35 3.81 -0.55
N ALA A 428 -0.87 4.76 0.25
CA ALA A 428 -2.04 4.51 1.01
C ALA A 428 -3.14 4.06 0.07
N ARG A 429 -3.19 4.65 -1.10
CA ARG A 429 -4.23 4.31 -2.03
C ARG A 429 -4.13 2.86 -2.52
N ILE A 430 -2.91 2.39 -2.75
CA ILE A 430 -2.74 1.05 -3.21
C ILE A 430 -3.14 0.06 -2.05
N ALA A 431 -2.93 0.42 -0.78
CA ALA A 431 -3.35 -0.40 0.35
C ALA A 431 -4.93 -0.52 0.29
N ALA A 432 -5.56 0.56 -0.07
CA ALA A 432 -7.06 0.62 -0.14
C ALA A 432 -7.54 -0.22 -1.31
N LEU A 433 -6.93 0.04 -2.45
CA LEU A 433 -7.24 -0.78 -3.65
C LEU A 433 -7.10 -2.26 -3.44
N MSE A 434 -6.06 -2.70 -2.71
CA MSE A 434 -5.85 -4.15 -2.37
C MSE A 434 -6.67 -4.72 -1.22
O MSE A 434 -6.80 -5.93 -1.07
CB MSE A 434 -4.37 -4.38 -2.02
CG MSE A 434 -3.58 -4.34 -3.20
SE MSE A 434 -1.71 -4.90 -3.08
CE MSE A 434 -0.96 -3.72 -1.79
N LYS A 435 -7.13 -3.82 -0.39
CA LYS A 435 -7.91 -4.11 0.82
C LYS A 435 -7.01 -4.88 1.80
N ILE A 436 -5.76 -4.41 1.97
CA ILE A 436 -4.84 -5.09 2.87
C ILE A 436 -4.92 -4.51 4.25
N LYS A 437 -4.51 -5.30 5.25
CA LYS A 437 -4.45 -4.89 6.63
C LYS A 437 -3.10 -4.22 6.92
N HIS A 438 -3.09 -2.93 6.72
CA HIS A 438 -1.98 -2.02 6.96
C HIS A 438 -2.59 -0.80 7.70
N PHE A 439 -1.98 -0.44 8.80
CA PHE A 439 -2.51 0.55 9.75
C PHE A 439 -1.65 1.83 9.63
N PHE A 440 -2.31 2.96 9.49
CA PHE A 440 -1.67 4.27 9.30
C PHE A 440 -1.85 5.09 10.53
N ILE A 441 -0.74 5.48 11.14
CA ILE A 441 -0.79 6.27 12.37
C ILE A 441 -0.39 7.75 12.09
N PHE A 442 -1.38 8.65 12.23
CA PHE A 442 -1.21 10.03 11.87
C PHE A 442 -1.49 10.92 13.13
N THR A 443 -0.44 11.41 13.72
CA THR A 443 -0.53 12.33 14.87
C THR A 443 -0.59 13.77 14.47
N HIS A 444 -0.75 14.67 15.45
CA HIS A 444 -0.66 16.11 15.16
C HIS A 444 -1.76 16.51 14.16
N ASP A 445 -2.96 16.20 14.55
CA ASP A 445 -4.06 16.16 13.58
C ASP A 445 -4.68 17.51 13.19
N SER A 446 -4.32 18.60 13.86
CA SER A 446 -5.04 19.85 13.59
C SER A 446 -4.25 21.10 13.97
N ILE A 447 -4.90 22.27 13.77
CA ILE A 447 -4.35 23.55 14.28
C ILE A 447 -3.92 23.45 15.77
N GLY A 448 -4.42 22.46 16.51
CA GLY A 448 -3.97 22.21 17.89
C GLY A 448 -2.48 21.98 18.00
N VAL A 449 -1.88 21.63 16.90
CA VAL A 449 -0.41 21.59 16.81
C VAL A 449 0.25 22.86 17.31
N GLY A 450 -0.30 24.03 16.92
CA GLY A 450 0.17 25.29 17.50
C GLY A 450 1.35 25.91 16.82
N GLU A 451 2.47 26.01 17.51
CA GLU A 451 3.52 26.88 17.08
C GLU A 451 4.21 26.55 15.76
N ASP A 452 4.26 25.27 15.43
CA ASP A 452 4.89 24.90 14.17
C ASP A 452 4.22 25.50 12.93
N GLY A 453 2.94 25.91 13.09
CA GLY A 453 2.34 26.75 12.09
C GLY A 453 1.68 26.01 10.93
N PRO A 454 1.25 26.79 9.89
CA PRO A 454 0.30 26.28 8.88
C PRO A 454 0.82 25.18 8.04
N THR A 455 2.16 25.13 7.83
CA THR A 455 2.68 24.02 7.02
C THR A 455 2.63 22.72 7.80
N HIS A 456 2.43 22.78 9.12
CA HIS A 456 2.29 21.63 9.95
C HIS A 456 0.87 21.41 10.51
N GLN A 457 -0.12 22.13 10.04
CA GLN A 457 -1.46 22.00 10.58
C GLN A 457 -2.40 21.49 9.48
N PRO A 458 -2.83 20.27 9.60
CA PRO A 458 -3.77 19.67 8.66
C PRO A 458 -5.05 20.48 8.60
N ILE A 459 -5.62 20.56 7.40
CA ILE A 459 -6.91 21.21 7.15
C ILE A 459 -7.78 20.35 6.26
N GLU A 460 -7.22 19.90 5.17
CA GLU A 460 -7.93 19.15 4.14
C GLU A 460 -7.74 17.63 4.13
N GLN A 461 -6.79 17.13 4.93
CA GLN A 461 -6.47 15.71 4.97
C GLN A 461 -7.61 14.77 5.43
N LEU A 462 -8.44 15.18 6.39
CA LEU A 462 -9.57 14.36 6.76
C LEU A 462 -10.47 14.11 5.58
N SER A 463 -10.75 15.14 4.77
CA SER A 463 -11.57 15.00 3.53
C SER A 463 -10.98 14.01 2.58
N THR A 464 -9.68 14.09 2.39
CA THR A 464 -8.99 13.16 1.47
C THR A 464 -9.17 11.71 1.90
N PHE A 465 -8.78 11.40 3.15
CA PHE A 465 -8.92 10.05 3.66
C PHE A 465 -10.38 9.52 3.77
N ARG A 466 -11.32 10.35 4.22
CA ARG A 466 -12.69 10.01 4.10
C ARG A 466 -13.15 9.70 2.68
N ALA A 467 -12.77 10.52 1.71
CA ALA A 467 -13.19 10.31 0.34
C ALA A 467 -12.60 9.08 -0.28
N MSE A 468 -11.37 8.74 0.10
CA MSE A 468 -10.72 7.50 -0.41
C MSE A 468 -11.57 6.25 -0.06
O MSE A 468 -11.85 5.93 1.15
CB MSE A 468 -9.29 7.35 0.18
CG MSE A 468 -8.64 6.11 -0.41
SE MSE A 468 -6.71 6.08 0.04
CE MSE A 468 -6.76 6.92 1.83
N PRO A 469 -12.03 5.48 -1.09
CA PRO A 469 -12.76 4.25 -0.77
C PRO A 469 -11.87 3.20 -0.01
N ASN A 470 -12.53 2.23 0.60
CA ASN A 470 -11.91 1.09 1.26
C ASN A 470 -10.89 1.52 2.29
N PHE A 471 -11.19 2.57 3.05
CA PHE A 471 -10.21 3.09 3.97
C PHE A 471 -10.93 3.74 5.10
N LEU A 472 -10.84 3.21 6.32
CA LEU A 472 -11.52 3.77 7.51
C LEU A 472 -10.66 4.85 8.13
N THR A 473 -11.23 5.98 8.51
CA THR A 473 -10.49 7.07 9.05
C THR A 473 -11.04 7.31 10.45
N PHE A 474 -10.33 6.81 11.48
CA PHE A 474 -10.73 7.01 12.88
C PHE A 474 -10.08 8.24 13.46
N ARG A 475 -10.91 9.04 14.14
CA ARG A 475 -10.44 10.21 14.81
C ARG A 475 -11.02 10.17 16.23
N PRO A 476 -10.30 9.38 17.11
CA PRO A 476 -10.85 9.17 18.46
C PRO A 476 -10.81 10.38 19.34
N ALA A 477 -11.88 10.57 20.12
CA ALA A 477 -11.94 11.69 21.04
C ALA A 477 -11.18 11.43 22.35
N ASP A 478 -11.02 10.19 22.70
CA ASP A 478 -10.29 9.81 23.94
C ASP A 478 -9.71 8.41 23.83
N GLY A 479 -9.09 7.91 24.91
CA GLY A 479 -8.43 6.60 24.88
C GLY A 479 -9.35 5.45 24.63
N VAL A 480 -10.54 5.52 25.19
CA VAL A 480 -11.51 4.51 25.05
C VAL A 480 -11.98 4.40 23.60
N GLU A 481 -12.25 5.56 22.99
CA GLU A 481 -12.59 5.50 21.54
C GLU A 481 -11.39 4.90 20.74
N ASN A 482 -10.18 5.25 21.13
CA ASN A 482 -8.95 4.81 20.43
C ASN A 482 -8.88 3.27 20.47
N VAL A 483 -9.19 2.66 21.63
CA VAL A 483 -9.29 1.21 21.75
C VAL A 483 -10.32 0.60 20.90
N LYS A 484 -11.56 1.07 20.97
CA LYS A 484 -12.56 0.48 20.19
C LYS A 484 -12.26 0.59 18.66
N ALA A 485 -11.61 1.68 18.28
CA ALA A 485 -11.18 1.91 16.87
C ALA A 485 -10.21 0.79 16.47
N TRP A 486 -9.21 0.51 17.30
CA TRP A 486 -8.33 -0.61 16.99
C TRP A 486 -9.03 -1.96 16.89
N GLN A 487 -9.98 -2.22 17.79
CA GLN A 487 -10.72 -3.45 17.77
C GLN A 487 -11.45 -3.58 16.42
N ILE A 488 -12.04 -2.47 15.92
CA ILE A 488 -12.72 -2.51 14.59
C ILE A 488 -11.71 -2.76 13.47
N ALA A 489 -10.62 -1.99 13.55
CA ALA A 489 -9.57 -2.03 12.54
C ALA A 489 -8.99 -3.39 12.38
N LEU A 490 -8.69 -4.04 13.49
CA LEU A 490 -8.13 -5.40 13.34
C LEU A 490 -9.12 -6.44 12.74
N ASN A 491 -10.41 -6.27 12.98
CA ASN A 491 -11.40 -7.17 12.41
C ASN A 491 -11.88 -6.78 11.03
N ALA A 492 -11.57 -5.58 10.58
CA ALA A 492 -12.15 -5.10 9.31
C ALA A 492 -11.42 -5.79 8.12
N ASP A 493 -12.00 -5.63 6.93
CA ASP A 493 -11.41 -6.19 5.70
C ASP A 493 -10.67 -5.16 4.84
N ILE A 494 -10.42 -3.97 5.39
CA ILE A 494 -9.84 -2.84 4.68
C ILE A 494 -8.88 -2.14 5.66
N PRO A 495 -7.89 -1.39 5.13
CA PRO A 495 -6.95 -0.58 5.97
C PRO A 495 -7.68 0.54 6.70
N SER A 496 -7.02 1.05 7.74
CA SER A 496 -7.57 2.10 8.62
C SER A 496 -6.44 3.10 8.90
N ALA A 497 -6.80 4.36 9.11
CA ALA A 497 -5.91 5.35 9.66
C ALA A 497 -6.42 5.78 11.00
N PHE A 498 -5.48 6.19 11.81
CA PHE A 498 -5.75 6.72 13.12
C PHE A 498 -5.28 8.17 13.16
N VAL A 499 -6.19 9.08 13.42
CA VAL A 499 -5.93 10.50 13.34
C VAL A 499 -5.95 10.99 14.77
N LEU A 500 -4.80 11.40 15.24
CA LEU A 500 -4.50 11.54 16.68
C LEU A 500 -3.97 12.95 17.05
N SER A 501 -4.26 13.41 18.27
CA SER A 501 -3.90 14.73 18.70
C SER A 501 -2.49 14.84 19.29
N ARG A 502 -1.89 15.99 19.13
CA ARG A 502 -0.66 16.34 19.89
C ARG A 502 -1.05 16.68 21.31
N GLN A 503 -2.15 17.42 21.46
CA GLN A 503 -2.49 17.99 22.74
C GLN A 503 -3.41 17.08 23.55
N LYS A 504 -3.42 17.31 24.87
CA LYS A 504 -4.22 16.53 25.76
C LYS A 504 -5.73 16.75 25.55
N LEU A 505 -6.51 15.67 25.44
CA LEU A 505 -7.96 15.71 25.30
C LEU A 505 -8.61 15.22 26.58
N LYS A 506 -9.87 15.56 26.73
CA LYS A 506 -10.56 15.19 27.93
C LYS A 506 -11.34 13.89 27.74
N ALA A 507 -11.25 13.01 28.72
CA ALA A 507 -11.99 11.77 28.70
C ALA A 507 -13.52 11.99 28.67
N LEU A 508 -14.21 11.15 27.92
CA LEU A 508 -15.65 11.27 27.75
C LEU A 508 -16.41 10.44 28.77
N ASN A 509 -17.69 10.77 28.94
CA ASN A 509 -18.63 9.92 29.63
C ASN A 509 -19.00 8.78 28.69
N GLU A 510 -19.70 7.77 29.21
CA GLU A 510 -20.09 6.60 28.41
C GLU A 510 -21.15 6.89 27.35
N PRO A 511 -21.16 6.11 26.24
CA PRO A 511 -22.18 6.17 25.26
C PRO A 511 -23.58 6.06 25.90
N VAL A 512 -24.51 6.85 25.43
CA VAL A 512 -25.92 6.68 25.78
C VAL A 512 -26.66 5.78 24.84
N PHE A 513 -26.32 5.82 23.55
CA PHE A 513 -26.95 4.96 22.58
C PHE A 513 -25.95 4.81 21.47
N GLY A 514 -25.70 3.58 21.04
CA GLY A 514 -24.75 3.27 19.95
C GLY A 514 -23.34 3.23 20.45
N ASP A 515 -22.39 2.91 19.57
CA ASP A 515 -21.00 3.02 20.04
C ASP A 515 -20.12 3.28 18.80
N VAL A 516 -18.82 3.18 19.01
CA VAL A 516 -17.81 3.58 18.03
C VAL A 516 -18.00 2.73 16.78
N LYS A 517 -18.36 1.47 16.95
CA LYS A 517 -18.57 0.57 15.82
C LYS A 517 -19.67 1.02 14.88
N ASN A 518 -20.55 1.91 15.33
CA ASN A 518 -21.57 2.52 14.44
C ASN A 518 -21.06 3.76 13.72
N GLY A 519 -19.80 4.15 13.96
CA GLY A 519 -19.19 5.32 13.37
C GLY A 519 -19.50 6.64 14.10
N ALA A 520 -20.77 6.86 14.38
CA ALA A 520 -21.19 7.93 15.25
C ALA A 520 -22.14 7.34 16.32
N TYR A 521 -22.18 8.00 17.46
CA TYR A 521 -23.05 7.52 18.56
C TYR A 521 -23.42 8.68 19.46
N LEU A 522 -24.50 8.51 20.23
CA LEU A 522 -24.88 9.57 21.18
C LEU A 522 -24.12 9.53 22.48
N LEU A 523 -23.55 10.67 22.87
CA LEU A 523 -23.05 10.93 24.21
C LEU A 523 -24.11 11.64 25.12
N LYS A 524 -24.97 12.43 24.53
CA LYS A 524 -26.04 13.14 25.28
C LYS A 524 -27.27 13.02 24.43
N GLU A 525 -28.39 12.67 25.04
CA GLU A 525 -29.64 12.58 24.31
C GLU A 525 -30.72 13.32 25.09
N SER A 526 -31.45 14.19 24.41
CA SER A 526 -32.57 14.93 25.00
C SER A 526 -33.85 14.74 24.23
N LYS A 527 -34.94 14.51 24.96
CA LYS A 527 -36.26 14.44 24.33
C LYS A 527 -36.51 15.80 23.70
N GLU A 528 -37.20 15.75 22.57
CA GLU A 528 -37.49 16.89 21.69
C GLU A 528 -36.25 17.80 21.49
N ALA A 529 -35.16 17.20 21.01
CA ALA A 529 -33.95 18.00 20.87
C ALA A 529 -34.16 19.03 19.76
N LYS A 530 -33.78 20.28 20.00
CA LYS A 530 -33.82 21.35 19.01
C LYS A 530 -32.54 21.36 18.16
N PHE A 531 -31.44 20.96 18.77
CA PHE A 531 -30.13 20.93 18.08
C PHE A 531 -29.45 19.61 18.33
N THR A 532 -28.59 19.20 17.41
CA THR A 532 -27.69 18.12 17.67
C THR A 532 -26.31 18.63 17.26
N LEU A 533 -25.34 18.54 18.16
CA LEU A 533 -23.95 18.93 17.88
C LEU A 533 -23.19 17.67 17.63
N LEU A 534 -22.56 17.56 16.43
CA LEU A 534 -21.91 16.34 15.97
C LEU A 534 -20.44 16.74 15.81
N ALA A 535 -19.54 16.00 16.44
CA ALA A 535 -18.10 16.28 16.34
C ALA A 535 -17.27 15.01 16.36
N SER A 536 -15.99 15.17 16.04
CA SER A 536 -15.02 14.11 16.19
C SER A 536 -13.82 14.61 16.95
N GLY A 537 -13.04 13.68 17.50
CA GLY A 537 -11.74 13.94 18.07
C GLY A 537 -11.79 15.09 19.07
N SER A 538 -10.88 16.02 18.91
CA SER A 538 -10.71 17.12 19.85
C SER A 538 -11.89 18.07 19.96
N GLU A 539 -12.85 18.01 19.06
CA GLU A 539 -13.94 18.94 19.11
C GLU A 539 -15.14 18.44 19.93
N VAL A 540 -15.13 17.16 20.31
CA VAL A 540 -16.26 16.59 21.07
C VAL A 540 -16.46 17.30 22.42
N TRP A 541 -15.40 17.61 23.17
CA TRP A 541 -15.64 18.32 24.45
C TRP A 541 -16.18 19.71 24.28
N LEU A 542 -15.77 20.41 23.20
CA LEU A 542 -16.28 21.74 22.93
C LEU A 542 -17.80 21.59 22.74
N CYS A 543 -18.18 20.52 22.09
CA CYS A 543 -19.61 20.31 21.84
C CYS A 543 -20.37 19.95 23.12
N LEU A 544 -19.80 19.10 23.98
CA LEU A 544 -20.45 18.78 25.25
C LEU A 544 -20.66 20.05 26.08
N GLU A 545 -19.62 20.85 26.21
CA GLU A 545 -19.75 22.13 26.92
C GLU A 545 -20.77 23.09 26.31
N SER A 546 -20.81 23.15 24.99
CA SER A 546 -21.68 24.08 24.30
C SER A 546 -23.11 23.58 24.47
N ALA A 547 -23.31 22.25 24.42
CA ALA A 547 -24.65 21.72 24.65
C ALA A 547 -25.14 22.02 26.10
N ASN A 548 -24.23 22.01 27.09
CA ASN A 548 -24.62 22.36 28.47
CA ASN A 548 -24.64 22.37 28.46
C ASN A 548 -25.09 23.80 28.53
N GLU A 549 -24.30 24.69 27.94
CA GLU A 549 -24.68 26.10 27.86
C GLU A 549 -26.00 26.30 27.12
N LEU A 550 -26.17 25.67 25.96
CA LEU A 550 -27.49 25.67 25.30
C LEU A 550 -28.67 25.18 26.20
N GLU A 551 -28.47 24.08 26.93
CA GLU A 551 -29.50 23.58 27.85
C GLU A 551 -29.81 24.62 28.98
N LYS A 552 -28.77 25.21 29.56
CA LYS A 552 -28.94 26.27 30.56
C LYS A 552 -29.73 27.43 29.94
N GLN A 553 -29.53 27.73 28.67
CA GLN A 553 -30.37 28.73 27.98
C GLN A 553 -31.75 28.24 27.53
N GLY A 554 -32.10 26.97 27.70
CA GLY A 554 -33.46 26.48 27.42
C GLY A 554 -33.61 25.73 26.12
N PHE A 555 -32.48 25.25 25.56
CA PHE A 555 -32.54 24.51 24.30
C PHE A 555 -32.07 23.07 24.49
N ALA A 556 -32.97 22.10 24.30
CA ALA A 556 -32.64 20.68 24.37
C ALA A 556 -31.68 20.31 23.23
N CYS A 557 -30.64 19.57 23.54
CA CYS A 557 -29.56 19.21 22.62
C CYS A 557 -29.16 17.74 22.66
N ASN A 558 -28.79 17.17 21.52
CA ASN A 558 -28.17 15.86 21.44
C ASN A 558 -26.70 16.19 21.17
N VAL A 559 -25.79 15.39 21.68
CA VAL A 559 -24.38 15.45 21.26
C VAL A 559 -24.00 14.07 20.71
N VAL A 560 -23.39 14.12 19.51
CA VAL A 560 -23.04 12.96 18.74
C VAL A 560 -21.49 12.99 18.63
N SER A 561 -20.82 11.90 19.05
CA SER A 561 -19.39 11.70 18.71
C SER A 561 -19.32 10.89 17.43
N MSE A 562 -18.51 11.33 16.47
CA MSE A 562 -18.36 10.63 15.20
C MSE A 562 -16.86 10.23 14.96
O MSE A 562 -16.20 10.85 14.18
CB MSE A 562 -18.79 11.48 14.02
CG MSE A 562 -18.94 10.64 12.70
SE MSE A 562 -19.27 11.81 11.20
CE MSE A 562 -17.54 12.74 11.30
N PRO A 563 -16.39 9.18 15.56
CA PRO A 563 -14.98 8.82 15.43
C PRO A 563 -14.70 8.27 14.04
N CYS A 564 -15.73 7.87 13.29
CA CYS A 564 -15.53 7.34 11.94
C CYS A 564 -16.66 7.57 11.00
N PHE A 565 -16.44 8.54 10.12
CA PHE A 565 -17.45 8.93 9.10
C PHE A 565 -17.85 7.80 8.21
N GLU A 566 -16.85 7.07 7.71
CA GLU A 566 -17.15 5.98 6.81
C GLU A 566 -18.08 4.90 7.40
N LEU A 567 -17.91 4.56 8.68
CA LEU A 567 -18.75 3.58 9.34
C LEU A 567 -20.16 4.17 9.52
N PHE A 568 -20.25 5.45 9.77
CA PHE A 568 -21.59 6.08 10.01
C PHE A 568 -22.41 6.07 8.73
N GLU A 569 -21.71 6.26 7.58
CA GLU A 569 -22.35 6.18 6.27
C GLU A 569 -23.04 4.85 6.07
N LYS A 570 -22.59 3.79 6.75
CA LYS A 570 -23.12 2.44 6.52
C LYS A 570 -24.30 2.07 7.42
N GLN A 571 -24.70 2.96 8.33
CA GLN A 571 -25.71 2.67 9.30
C GLN A 571 -27.07 2.77 8.65
N ASP A 572 -28.04 2.05 9.17
CA ASP A 572 -29.37 2.24 8.59
C ASP A 572 -30.05 3.53 9.03
N LYS A 573 -31.08 3.89 8.24
CA LYS A 573 -31.92 5.07 8.42
C LYS A 573 -32.35 5.28 9.83
N ALA A 574 -32.87 4.24 10.44
CA ALA A 574 -33.44 4.34 11.80
C ALA A 574 -32.39 4.78 12.84
N TYR A 575 -31.16 4.27 12.68
CA TYR A 575 -30.05 4.63 13.55
C TYR A 575 -29.70 6.10 13.33
N GLN A 576 -29.53 6.52 12.07
CA GLN A 576 -29.12 7.87 11.78
C GLN A 576 -30.20 8.86 12.28
N GLU A 577 -31.45 8.51 12.08
CA GLU A 577 -32.53 9.38 12.54
C GLU A 577 -32.65 9.61 14.02
N ARG A 578 -32.31 8.60 14.79
CA ARG A 578 -32.32 8.76 16.23
C ARG A 578 -31.21 9.71 16.69
N LEU A 579 -30.03 9.58 16.08
CA LEU A 579 -28.92 10.47 16.45
C LEU A 579 -29.15 11.93 15.99
N LEU A 580 -29.62 12.12 14.76
CA LEU A 580 -29.55 13.43 14.08
C LEU A 580 -30.91 14.16 14.14
N LYS A 581 -31.14 14.76 15.28
CA LYS A 581 -32.40 15.43 15.60
C LYS A 581 -32.30 16.93 15.54
N GLY A 582 -33.42 17.56 15.16
CA GLY A 582 -33.44 19.00 15.07
C GLY A 582 -32.50 19.55 14.01
N GLU A 583 -31.88 20.69 14.30
CA GLU A 583 -30.94 21.27 13.41
C GLU A 583 -29.61 20.70 13.84
N VAL A 584 -28.87 20.12 12.90
CA VAL A 584 -27.62 19.40 13.22
C VAL A 584 -26.45 20.26 12.79
N ILE A 585 -25.52 20.51 13.73
CA ILE A 585 -24.34 21.30 13.51
C ILE A 585 -23.15 20.42 13.67
N GLY A 586 -22.32 20.37 12.64
CA GLY A 586 -21.09 19.61 12.69
C GLY A 586 -19.93 20.52 13.04
N VAL A 587 -18.99 20.00 13.86
CA VAL A 587 -17.97 20.82 14.41
C VAL A 587 -16.69 20.02 14.31
N GLU A 588 -15.75 20.56 13.56
CA GLU A 588 -14.48 19.88 13.37
C GLU A 588 -13.38 20.88 13.05
N ALA A 589 -12.20 20.69 13.64
CA ALA A 589 -11.02 21.51 13.29
C ALA A 589 -10.44 20.99 11.99
N ALA A 590 -11.23 21.17 10.94
CA ALA A 590 -10.82 20.75 9.54
C ALA A 590 -11.68 21.47 8.54
N HIS A 591 -11.30 21.44 7.24
CA HIS A 591 -12.22 21.93 6.23
C HIS A 591 -12.93 20.73 5.70
N SER A 592 -14.11 20.42 6.23
CA SER A 592 -14.74 19.11 6.05
C SER A 592 -16.19 19.26 5.61
N ASN A 593 -16.30 19.68 4.35
CA ASN A 593 -17.60 19.87 3.68
C ASN A 593 -18.36 18.59 3.56
N GLU A 594 -17.69 17.43 3.60
CA GLU A 594 -18.37 16.15 3.60
C GLU A 594 -19.39 16.01 4.78
N LEU A 595 -19.20 16.83 5.83
CA LEU A 595 -20.10 16.74 6.96
C LEU A 595 -21.52 17.14 6.62
N TYR A 596 -21.69 17.92 5.56
CA TYR A 596 -23.04 18.26 5.04
C TYR A 596 -23.86 17.06 4.69
N LYS A 597 -23.26 15.92 4.51
CA LYS A 597 -23.99 14.68 4.36
C LYS A 597 -24.87 14.36 5.63
N PHE A 598 -24.41 14.78 6.80
CA PHE A 598 -25.09 14.48 8.07
C PHE A 598 -25.56 15.72 8.84
N CYS A 599 -25.15 16.92 8.40
CA CYS A 599 -25.30 18.16 9.17
C CYS A 599 -25.99 19.22 8.34
N HIS A 600 -26.89 20.02 8.94
CA HIS A 600 -27.37 21.19 8.27
C HIS A 600 -26.44 22.37 8.23
N LYS A 601 -25.59 22.54 9.25
CA LYS A 601 -24.56 23.57 9.25
C LYS A 601 -23.23 22.92 9.64
N VAL A 602 -22.18 23.51 9.17
CA VAL A 602 -20.85 23.00 9.48
C VAL A 602 -19.99 24.12 10.01
N TYR A 603 -19.35 23.90 11.17
CA TYR A 603 -18.54 24.88 11.84
C TYR A 603 -17.09 24.35 11.82
N GLY A 604 -16.37 24.79 10.81
CA GLY A 604 -15.05 24.22 10.45
C GLY A 604 -14.02 25.29 10.33
N ILE A 605 -12.96 24.94 9.60
CA ILE A 605 -11.88 25.84 9.31
C ILE A 605 -11.82 25.96 7.79
N GLU A 606 -11.89 27.15 7.27
CA GLU A 606 -11.92 27.35 5.81
C GLU A 606 -10.64 27.92 5.23
N SER A 607 -9.64 28.11 6.06
CA SER A 607 -8.39 28.73 5.58
C SER A 607 -7.25 27.85 6.05
N PHE A 608 -6.00 28.17 5.74
CA PHE A 608 -4.91 27.57 6.44
C PHE A 608 -4.82 28.12 7.89
N GLY A 609 -3.97 27.46 8.67
CA GLY A 609 -3.71 27.77 10.08
C GLY A 609 -2.81 28.94 10.35
N GLU A 610 -2.34 28.97 11.59
CA GLU A 610 -1.45 30.05 12.08
C GLU A 610 -0.47 29.50 13.05
N SER A 611 0.69 30.11 13.07
CA SER A 611 1.71 29.80 14.05
C SER A 611 1.39 30.54 15.34
N GLY A 612 1.14 29.76 16.39
CA GLY A 612 0.90 30.28 17.73
C GLY A 612 0.66 29.20 18.77
N LYS A 613 0.57 29.65 20.04
CA LYS A 613 0.15 28.74 21.07
C LYS A 613 -1.20 28.09 20.72
N ASP A 614 -1.33 26.78 20.94
CA ASP A 614 -2.59 26.02 20.64
C ASP A 614 -3.84 26.72 21.14
N LYS A 615 -3.82 27.19 22.36
CA LYS A 615 -5.06 27.89 22.88
C LYS A 615 -5.33 29.19 22.13
N ASP A 616 -4.28 29.90 21.75
CA ASP A 616 -4.44 31.15 20.95
C ASP A 616 -4.99 30.83 19.55
N VAL A 617 -4.48 29.77 18.92
CA VAL A 617 -4.94 29.45 17.54
C VAL A 617 -6.37 28.92 17.54
N PHE A 618 -6.71 28.08 18.49
CA PHE A 618 -8.07 27.56 18.54
C PHE A 618 -9.04 28.72 18.75
N GLU A 619 -8.66 29.68 19.59
CA GLU A 619 -9.55 30.84 19.87
C GLU A 619 -9.72 31.72 18.59
N ARG A 620 -8.61 31.97 17.92
CA ARG A 620 -8.63 32.68 16.69
C ARG A 620 -9.56 32.05 15.65
N PHE A 621 -9.56 30.71 15.59
CA PHE A 621 -10.37 29.99 14.59
C PHE A 621 -11.76 29.71 15.06
N GLY A 622 -12.11 30.27 16.19
CA GLY A 622 -13.51 30.20 16.65
C GLY A 622 -13.92 29.00 17.53
N PHE A 623 -12.96 28.18 17.98
CA PHE A 623 -13.26 26.93 18.72
C PHE A 623 -13.30 27.28 20.19
N SER A 624 -14.44 27.85 20.60
CA SER A 624 -14.71 28.28 21.96
C SER A 624 -16.23 28.13 22.19
N VAL A 625 -16.60 27.83 23.41
CA VAL A 625 -18.03 27.73 23.72
C VAL A 625 -18.80 28.97 23.31
N SER A 626 -18.36 30.15 23.70
CA SER A 626 -19.12 31.36 23.41
C SER A 626 -19.33 31.54 21.93
N LYS A 627 -18.26 31.28 21.14
CA LYS A 627 -18.39 31.49 19.68
C LYS A 627 -19.26 30.40 19.05
N LEU A 628 -19.15 29.16 19.53
CA LEU A 628 -19.89 28.10 18.83
C LEU A 628 -21.40 28.29 19.20
N VAL A 629 -21.65 28.62 20.45
CA VAL A 629 -23.07 28.82 20.90
C VAL A 629 -23.66 30.00 20.13
N ASN A 630 -22.93 31.08 19.96
CA ASN A 630 -23.44 32.23 19.11
C ASN A 630 -23.74 31.85 17.64
N PHE A 631 -22.88 31.03 17.05
CA PHE A 631 -23.20 30.50 15.72
C PHE A 631 -24.46 29.66 15.71
N ILE A 632 -24.60 28.77 16.70
CA ILE A 632 -25.69 27.83 16.73
C ILE A 632 -26.98 28.63 16.89
N LEU A 633 -26.92 29.66 17.70
CA LEU A 633 -28.14 30.48 17.93
C LEU A 633 -28.29 31.57 16.84
N SER A 634 -27.50 31.46 15.77
CA SER A 634 -27.44 32.43 14.66
C SER A 634 -27.45 33.91 15.09
N LYS A 635 -26.54 34.28 16.00
CA LYS A 635 -26.46 35.64 16.58
C LYS A 635 -25.78 35.68 17.94
N1' TPP B . 3.51 8.79 -13.14
C2' TPP B . 3.41 7.74 -12.33
CM2 TPP B . 3.73 7.85 -10.86
N3' TPP B . 2.93 6.60 -12.80
C4' TPP B . 2.55 6.43 -14.06
N4' TPP B . 2.10 5.23 -14.42
C5' TPP B . 2.71 7.54 -15.00
C6' TPP B . 3.19 8.70 -14.43
C7' TPP B . 2.33 7.48 -16.45
N3 TPP B . 3.18 6.56 -17.17
C2 TPP B . 2.89 5.31 -17.52
S1 TPP B . 4.23 4.44 -18.25
C5 TPP B . 5.14 5.92 -18.17
C4 TPP B . 4.43 6.93 -17.51
CM4 TPP B . 5.07 8.28 -17.30
C6 TPP B . 6.53 6.11 -18.67
C7 TPP B . 7.10 4.83 -19.10
O7 TPP B . 8.48 5.02 -19.11
PA TPP B . 9.31 3.72 -18.94
O1A TPP B . 9.31 3.22 -17.54
O2A TPP B . 10.64 4.11 -19.49
O3A TPP B . 8.49 2.60 -19.76
PB TPP B . 8.78 2.13 -21.27
O1B TPP B . 7.68 1.15 -21.52
O2B TPP B . 10.25 1.69 -21.31
O3B TPP B . 8.53 3.31 -22.14
C1 EDO C . -29.51 16.33 8.01
O1 EDO C . -30.08 15.32 8.87
C2 EDO C . -28.64 15.71 6.94
O2 EDO C . -28.71 16.31 5.61
MG MG D . 11.97 3.06 -20.87
C1 RP5 E . -0.48 5.13 -19.72
O4 RP5 E . -1.18 6.28 -20.10
C2 RP5 E . 0.37 4.75 -20.92
O2 RP5 E . 1.70 5.11 -20.60
C3 RP5 E . -0.27 5.43 -22.12
O3 RP5 E . 0.63 6.00 -23.04
C4 RP5 E . -1.06 6.53 -21.47
C5 RP5 E . -2.44 6.56 -22.04
O5 RP5 E . -2.33 7.18 -23.32
P' RP5 E . -3.58 8.06 -23.68
O1X RP5 E . -3.23 9.47 -24.09
O2X RP5 E . -4.50 7.95 -22.34
O3X RP5 E . -4.36 7.52 -24.98
O1 RP5 E . -1.38 4.07 -19.47
#